data_1F1R
#
_entry.id   1F1R
#
_cell.length_a   138.440
_cell.length_b   59.150
_cell.length_c   102.800
_cell.angle_alpha   90.00
_cell.angle_beta   118.26
_cell.angle_gamma   90.00
#
_symmetry.space_group_name_H-M   'C 1 2 1'
#
loop_
_entity.id
_entity.type
_entity.pdbx_description
1 polymer 'HOMOPROTOCATECHUATE 2,3-DIOXYGENASE'
2 non-polymer 'MANGANESE (II) ION'
3 water water
#
_entity_poly.entity_id   1
_entity_poly.type   'polypeptide(L)'
_entity_poly.pdbx_seq_one_letter_code
;MTNFVPTPSVPAPDIVRCAYMEIVVTDLAKSREFYVDVLGLHVTEEDENTIYLRSLEEFIHHNLVLRQGPIAAVAAFAYR
VKSPAEVDAAEAYYKELGCRTERRKEGFTKGIGDSVRVEDPLGFPYEFFYETEHVERLTQRYDLYSAGELVRLDHFNQVT
PDVPRGRAYLEDLGFRVSEDIKDSDGVTYAAWMHRKQTVHDTALTGGNGPRMHHVAFATHEKHNIIQICDKMGALRISDR
IERGPGRHGVSNAFYLYILDPDGHRIEIYTQDYYTGDPDNPTITWDVHDNQRRDWWGNPVVPSWYTEASLVLDLDGNPQP
VIV
;
_entity_poly.pdbx_strand_id   A,B
#
loop_
_chem_comp.id
_chem_comp.type
_chem_comp.name
_chem_comp.formula
MN non-polymer 'MANGANESE (II) ION' 'Mn 2'
#
# COMPACT_ATOMS: atom_id res chain seq x y z
N ASN A 3 -19.21 4.52 29.48
CA ASN A 3 -17.77 4.69 29.07
C ASN A 3 -17.48 3.91 27.78
N PHE A 4 -16.94 2.70 27.86
CA PHE A 4 -16.67 1.95 26.61
C PHE A 4 -17.88 1.34 25.96
N VAL A 5 -17.89 1.38 24.63
CA VAL A 5 -18.97 0.78 23.88
C VAL A 5 -18.76 -0.71 24.14
N PRO A 6 -19.84 -1.46 24.35
CA PRO A 6 -19.86 -2.91 24.61
C PRO A 6 -19.30 -3.59 23.39
N THR A 7 -18.69 -4.77 23.53
CA THR A 7 -18.18 -5.50 22.38
C THR A 7 -19.26 -6.52 21.97
N PRO A 8 -19.85 -6.43 20.76
CA PRO A 8 -20.89 -7.37 20.35
C PRO A 8 -20.43 -8.84 20.36
N SER A 9 -21.37 -9.76 20.35
CA SER A 9 -20.98 -11.16 20.36
C SER A 9 -20.92 -11.70 18.91
N VAL A 10 -21.40 -10.91 17.95
CA VAL A 10 -21.33 -11.30 16.55
C VAL A 10 -20.03 -10.69 15.99
N PRO A 11 -19.41 -11.35 15.01
CA PRO A 11 -18.17 -10.78 14.48
C PRO A 11 -18.33 -9.41 13.79
N ALA A 12 -17.24 -8.66 13.79
CA ALA A 12 -17.24 -7.35 13.13
C ALA A 12 -17.23 -7.60 11.61
N PRO A 13 -17.81 -6.70 10.83
CA PRO A 13 -17.78 -6.92 9.38
C PRO A 13 -16.29 -6.73 8.96
N ASP A 14 -15.87 -7.45 7.93
CA ASP A 14 -14.49 -7.38 7.45
C ASP A 14 -14.40 -6.17 6.52
N ILE A 15 -13.81 -5.10 7.03
CA ILE A 15 -13.67 -3.87 6.30
C ILE A 15 -12.36 -3.82 5.50
N VAL A 16 -12.45 -3.47 4.22
CA VAL A 16 -11.25 -3.36 3.40
C VAL A 16 -10.58 -1.99 3.46
N ARG A 17 -11.36 -0.92 3.26
CA ARG A 17 -10.76 0.41 3.25
C ARG A 17 -11.83 1.48 3.25
N CYS A 18 -11.44 2.70 3.54
CA CYS A 18 -12.39 3.79 3.39
C CYS A 18 -12.55 3.91 1.88
N ALA A 19 -13.76 4.24 1.41
CA ALA A 19 -14.03 4.26 -0.05
C ALA A 19 -14.59 5.55 -0.63
N TYR A 20 -15.51 6.17 0.09
CA TYR A 20 -16.02 7.47 -0.36
C TYR A 20 -16.69 8.26 0.73
N MET A 21 -16.88 9.54 0.48
CA MET A 21 -17.57 10.35 1.46
C MET A 21 -18.70 11.10 0.72
N GLU A 22 -19.87 11.23 1.34
CA GLU A 22 -20.94 11.99 0.69
C GLU A 22 -21.03 13.31 1.41
N ILE A 23 -20.79 14.42 0.69
CA ILE A 23 -20.86 15.70 1.38
C ILE A 23 -21.98 16.55 0.77
N VAL A 24 -22.60 17.33 1.65
CA VAL A 24 -23.68 18.24 1.25
C VAL A 24 -23.07 19.61 1.14
N VAL A 25 -23.31 20.26 0.01
CA VAL A 25 -22.76 21.58 -0.31
C VAL A 25 -23.89 22.54 -0.54
N THR A 26 -23.65 23.84 -0.33
CA THR A 26 -24.77 24.75 -0.49
C THR A 26 -24.99 25.30 -1.87
N ASP A 27 -23.97 25.30 -2.70
CA ASP A 27 -24.09 25.77 -4.07
C ASP A 27 -23.29 24.78 -4.94
N LEU A 28 -23.96 23.82 -5.54
CA LEU A 28 -23.31 22.82 -6.34
C LEU A 28 -22.39 23.33 -7.44
N ALA A 29 -22.77 24.43 -8.11
CA ALA A 29 -21.94 24.92 -9.19
C ALA A 29 -20.66 25.53 -8.66
N LYS A 30 -20.74 26.20 -7.51
CA LYS A 30 -19.58 26.80 -6.93
C LYS A 30 -18.67 25.64 -6.48
N SER A 31 -19.25 24.58 -5.93
CA SER A 31 -18.43 23.46 -5.48
C SER A 31 -17.85 22.73 -6.65
N ARG A 32 -18.63 22.59 -7.72
CA ARG A 32 -18.15 21.88 -8.89
C ARG A 32 -16.90 22.59 -9.39
N GLU A 33 -16.91 23.90 -9.36
CA GLU A 33 -15.74 24.63 -9.84
C GLU A 33 -14.49 24.30 -9.02
N PHE A 34 -14.63 24.24 -7.73
CA PHE A 34 -13.49 23.93 -6.89
C PHE A 34 -13.02 22.48 -7.12
N TYR A 35 -13.91 21.52 -6.95
CA TYR A 35 -13.50 20.12 -7.06
C TYR A 35 -13.10 19.64 -8.45
N VAL A 36 -13.72 20.18 -9.49
CA VAL A 36 -13.41 19.74 -10.85
C VAL A 36 -12.44 20.73 -11.52
N ASP A 37 -12.84 21.99 -11.67
CA ASP A 37 -11.95 22.92 -12.36
C ASP A 37 -10.67 23.25 -11.60
N VAL A 38 -10.72 23.39 -10.27
CA VAL A 38 -9.49 23.66 -9.57
C VAL A 38 -8.68 22.37 -9.24
N LEU A 39 -9.29 21.43 -8.51
CA LEU A 39 -8.58 20.27 -8.06
C LEU A 39 -8.44 19.19 -9.12
N GLY A 40 -9.29 19.22 -10.15
CA GLY A 40 -9.12 18.24 -11.21
C GLY A 40 -9.66 16.84 -10.96
N LEU A 41 -10.54 16.68 -9.98
CA LEU A 41 -11.14 15.34 -9.80
C LEU A 41 -11.99 15.02 -11.06
N HIS A 42 -12.15 13.72 -11.32
CA HIS A 42 -12.82 13.22 -12.49
C HIS A 42 -14.29 12.92 -12.23
N VAL A 43 -15.12 13.44 -13.13
CA VAL A 43 -16.54 13.26 -12.95
C VAL A 43 -16.95 11.93 -13.50
N THR A 44 -17.51 11.09 -12.65
CA THR A 44 -18.01 9.80 -13.12
C THR A 44 -19.37 10.06 -13.80
N GLU A 45 -20.21 10.84 -13.13
CA GLU A 45 -21.53 11.25 -13.71
C GLU A 45 -22.09 12.34 -12.82
N GLU A 46 -23.11 13.02 -13.31
CA GLU A 46 -23.68 14.09 -12.49
C GLU A 46 -25.08 14.45 -13.03
N ASP A 47 -25.86 15.12 -12.20
CA ASP A 47 -27.16 15.59 -12.62
C ASP A 47 -27.31 16.92 -11.97
N GLU A 48 -28.53 17.45 -11.98
CA GLU A 48 -28.80 18.76 -11.44
C GLU A 48 -28.48 18.95 -9.97
N ASN A 49 -28.64 17.86 -9.22
CA ASN A 49 -28.40 17.94 -7.79
C ASN A 49 -27.21 17.22 -7.20
N THR A 50 -26.52 16.41 -7.98
CA THR A 50 -25.44 15.65 -7.38
C THR A 50 -24.34 15.38 -8.39
N ILE A 51 -23.10 15.36 -7.88
CA ILE A 51 -21.93 15.12 -8.72
C ILE A 51 -21.16 13.98 -8.09
N TYR A 52 -20.75 13.00 -8.89
CA TYR A 52 -20.02 11.83 -8.37
C TYR A 52 -18.61 11.99 -8.93
N LEU A 53 -17.61 12.02 -8.05
CA LEU A 53 -16.23 12.26 -8.51
C LEU A 53 -15.33 11.12 -8.10
N ARG A 54 -14.26 10.92 -8.85
CA ARG A 54 -13.31 9.87 -8.45
C ARG A 54 -11.89 10.35 -8.70
N SER A 55 -10.93 9.72 -8.02
CA SER A 55 -9.54 10.13 -8.22
C SER A 55 -8.97 9.33 -9.39
N LEU A 56 -7.74 9.68 -9.79
CA LEU A 56 -7.16 9.05 -10.96
C LEU A 56 -7.07 7.51 -11.00
N GLU A 57 -6.68 6.88 -9.88
CA GLU A 57 -6.48 5.48 -9.90
C GLU A 57 -7.64 4.61 -9.33
N GLU A 58 -8.78 5.24 -9.18
CA GLU A 58 -9.93 4.53 -8.60
C GLU A 58 -10.71 3.79 -9.70
N PHE A 59 -11.25 2.59 -9.40
CA PHE A 59 -12.05 1.86 -10.36
C PHE A 59 -13.49 1.73 -9.84
N ILE A 60 -13.72 2.02 -8.53
CA ILE A 60 -15.12 1.94 -8.08
C ILE A 60 -15.84 3.21 -8.55
N HIS A 61 -17.14 3.26 -8.40
CA HIS A 61 -17.87 4.37 -8.99
C HIS A 61 -17.45 5.76 -8.60
N HIS A 62 -17.20 5.97 -7.33
CA HIS A 62 -16.83 7.32 -6.91
C HIS A 62 -16.11 7.31 -5.58
N ASN A 63 -15.38 8.40 -5.30
CA ASN A 63 -14.71 8.62 -4.00
C ASN A 63 -15.38 9.74 -3.30
N LEU A 64 -16.08 10.59 -4.05
CA LEU A 64 -16.79 11.72 -3.44
C LEU A 64 -18.13 11.93 -4.11
N VAL A 65 -19.15 12.23 -3.31
CA VAL A 65 -20.47 12.53 -3.89
C VAL A 65 -20.74 13.90 -3.36
N LEU A 66 -21.03 14.86 -4.24
CA LEU A 66 -21.36 16.21 -3.78
C LEU A 66 -22.86 16.30 -4.03
N ARG A 67 -23.61 16.66 -2.98
CA ARG A 67 -25.06 16.75 -3.03
C ARG A 67 -25.48 18.13 -2.58
N GLN A 68 -26.36 18.75 -3.33
CA GLN A 68 -26.83 20.09 -2.96
C GLN A 68 -27.77 20.00 -1.77
N GLY A 69 -27.61 20.88 -0.80
CA GLY A 69 -28.51 20.83 0.34
C GLY A 69 -28.52 22.16 1.07
N PRO A 70 -29.43 22.33 2.04
CA PRO A 70 -29.53 23.59 2.79
C PRO A 70 -28.44 23.84 3.81
N ILE A 71 -27.84 22.79 4.33
CA ILE A 71 -26.78 22.96 5.34
C ILE A 71 -25.57 22.12 4.96
N ALA A 72 -24.42 22.79 4.84
CA ALA A 72 -23.18 22.07 4.51
C ALA A 72 -22.91 21.09 5.62
N ALA A 73 -22.69 19.85 5.26
CA ALA A 73 -22.44 18.82 6.30
C ALA A 73 -21.99 17.58 5.58
N VAL A 74 -21.63 16.56 6.34
CA VAL A 74 -21.21 15.29 5.78
C VAL A 74 -22.32 14.30 6.01
N ALA A 75 -22.83 13.72 4.96
CA ALA A 75 -23.93 12.76 5.06
C ALA A 75 -23.49 11.33 5.30
N ALA A 76 -22.26 10.98 4.91
CA ALA A 76 -21.83 9.57 5.07
C ALA A 76 -20.33 9.34 4.89
N PHE A 77 -19.77 8.48 5.74
CA PHE A 77 -18.37 8.04 5.66
C PHE A 77 -18.56 6.62 5.21
N ALA A 78 -18.09 6.28 4.02
CA ALA A 78 -18.36 4.94 3.52
C ALA A 78 -17.13 4.05 3.41
N TYR A 79 -17.25 2.81 3.90
CA TYR A 79 -16.16 1.84 3.90
C TYR A 79 -16.57 0.68 3.05
N ARG A 80 -15.65 0.14 2.25
CA ARG A 80 -16.01 -1.00 1.42
C ARG A 80 -15.68 -2.25 2.24
N VAL A 81 -16.55 -3.25 2.19
CA VAL A 81 -16.32 -4.47 2.98
C VAL A 81 -15.92 -5.54 2.01
N LYS A 82 -15.44 -6.63 2.56
CA LYS A 82 -14.87 -7.67 1.77
C LYS A 82 -15.74 -8.51 0.84
N SER A 83 -17.01 -8.70 1.17
CA SER A 83 -17.85 -9.57 0.34
C SER A 83 -19.29 -9.17 0.71
N PRO A 84 -20.27 -9.61 -0.08
CA PRO A 84 -21.68 -9.30 0.17
C PRO A 84 -22.14 -9.68 1.58
N ALA A 85 -21.67 -10.82 2.07
CA ALA A 85 -22.05 -11.33 3.40
C ALA A 85 -21.61 -10.34 4.48
N GLU A 86 -20.56 -9.57 4.21
CA GLU A 86 -20.12 -8.64 5.24
C GLU A 86 -21.08 -7.51 5.40
N VAL A 87 -21.88 -7.21 4.37
CA VAL A 87 -22.88 -6.17 4.59
C VAL A 87 -23.89 -6.72 5.66
N ASP A 88 -24.25 -7.98 5.57
CA ASP A 88 -25.16 -8.57 6.62
C ASP A 88 -24.49 -8.46 7.97
N ALA A 89 -23.18 -8.78 8.01
CA ALA A 89 -22.44 -8.71 9.25
C ALA A 89 -22.43 -7.34 9.88
N ALA A 90 -22.29 -6.30 9.06
CA ALA A 90 -22.24 -4.94 9.58
C ALA A 90 -23.61 -4.59 10.17
N GLU A 91 -24.67 -5.02 9.50
CA GLU A 91 -26.01 -4.72 9.98
C GLU A 91 -26.24 -5.40 11.32
N ALA A 92 -25.88 -6.67 11.43
CA ALA A 92 -26.07 -7.42 12.66
C ALA A 92 -25.28 -6.82 13.80
N TYR A 93 -24.06 -6.43 13.50
CA TYR A 93 -23.14 -5.89 14.50
C TYR A 93 -23.66 -4.63 15.13
N TYR A 94 -24.12 -3.72 14.28
CA TYR A 94 -24.60 -2.44 14.82
C TYR A 94 -25.96 -2.61 15.47
N LYS A 95 -26.72 -3.57 14.98
CA LYS A 95 -28.02 -3.81 15.58
C LYS A 95 -27.77 -4.25 17.01
N GLU A 96 -26.80 -5.14 17.21
CA GLU A 96 -26.48 -5.57 18.57
C GLU A 96 -25.99 -4.42 19.46
N LEU A 97 -25.36 -3.38 18.89
CA LEU A 97 -24.91 -2.25 19.71
C LEU A 97 -26.06 -1.33 20.01
N GLY A 98 -27.22 -1.61 19.44
CA GLY A 98 -28.36 -0.75 19.68
C GLY A 98 -28.40 0.51 18.85
N CYS A 99 -27.65 0.53 17.73
CA CYS A 99 -27.60 1.69 16.85
C CYS A 99 -28.65 1.64 15.81
N ARG A 100 -29.09 2.80 15.37
CA ARG A 100 -30.05 2.87 14.30
C ARG A 100 -29.36 2.50 12.98
N THR A 101 -30.00 1.59 12.24
CA THR A 101 -29.48 1.14 10.97
C THR A 101 -30.52 1.25 9.88
N GLU A 102 -30.08 1.43 8.66
CA GLU A 102 -31.01 1.49 7.57
C GLU A 102 -30.34 0.76 6.41
N ARG A 103 -30.99 -0.30 5.97
CA ARG A 103 -30.49 -1.07 4.85
C ARG A 103 -31.22 -0.80 3.53
N ARG A 104 -30.48 -0.53 2.47
CA ARG A 104 -31.13 -0.35 1.16
C ARG A 104 -30.46 -1.28 0.12
N LYS A 105 -31.20 -2.27 -0.34
CA LYS A 105 -30.71 -3.22 -1.31
C LYS A 105 -30.21 -2.56 -2.57
N GLU A 106 -30.81 -1.42 -2.88
CA GLU A 106 -30.44 -0.70 -4.09
C GLU A 106 -29.45 0.42 -3.88
N GLY A 107 -28.92 0.57 -2.67
CA GLY A 107 -27.96 1.60 -2.38
C GLY A 107 -28.53 2.97 -1.98
N PHE A 108 -27.71 3.79 -1.35
CA PHE A 108 -28.09 5.14 -1.00
C PHE A 108 -27.56 6.15 -2.02
N THR A 109 -26.47 5.83 -2.72
CA THR A 109 -25.95 6.76 -3.73
C THR A 109 -25.82 5.97 -5.04
N LYS A 110 -25.81 6.66 -6.17
CA LYS A 110 -25.75 5.97 -7.45
C LYS A 110 -24.44 5.22 -7.58
N GLY A 111 -24.49 4.08 -8.24
CA GLY A 111 -23.31 3.30 -8.49
C GLY A 111 -22.96 2.37 -7.33
N ILE A 112 -23.68 2.44 -6.21
CA ILE A 112 -23.37 1.56 -5.11
C ILE A 112 -24.57 0.65 -4.94
N GLY A 113 -24.30 -0.61 -4.57
CA GLY A 113 -25.37 -1.58 -4.41
C GLY A 113 -25.84 -1.69 -2.99
N ASP A 114 -26.15 -2.94 -2.59
CA ASP A 114 -26.67 -3.25 -1.25
C ASP A 114 -25.80 -2.57 -0.20
N SER A 115 -26.41 -1.73 0.63
CA SER A 115 -25.67 -0.98 1.62
C SER A 115 -26.41 -0.86 2.93
N VAL A 116 -25.66 -0.74 4.01
CA VAL A 116 -26.26 -0.46 5.27
C VAL A 116 -25.61 0.80 5.83
N ARG A 117 -26.43 1.75 6.27
CA ARG A 117 -25.92 2.99 6.88
C ARG A 117 -26.30 2.91 8.36
N VAL A 118 -25.46 3.45 9.23
CA VAL A 118 -25.75 3.44 10.64
C VAL A 118 -25.37 4.74 11.27
N GLU A 119 -26.02 5.06 12.38
CA GLU A 119 -25.63 6.24 13.18
C GLU A 119 -24.80 5.49 14.21
N ASP A 120 -23.48 5.59 14.10
CA ASP A 120 -22.64 4.80 14.97
C ASP A 120 -22.58 5.28 16.41
N PRO A 121 -21.93 4.52 17.29
CA PRO A 121 -21.94 5.01 18.68
C PRO A 121 -21.40 6.37 19.00
N LEU A 122 -20.58 6.95 18.11
CA LEU A 122 -20.00 8.27 18.33
C LEU A 122 -20.81 9.32 17.57
N GLY A 123 -21.91 8.92 16.95
CA GLY A 123 -22.76 9.90 16.26
C GLY A 123 -22.49 10.08 14.79
N PHE A 124 -21.63 9.22 14.23
CA PHE A 124 -21.20 9.39 12.82
C PHE A 124 -22.00 8.51 11.86
N PRO A 125 -22.33 9.04 10.68
CA PRO A 125 -23.08 8.24 9.70
C PRO A 125 -22.10 7.39 8.90
N TYR A 126 -22.03 6.10 9.20
CA TYR A 126 -21.13 5.17 8.54
C TYR A 126 -21.91 4.33 7.57
N GLU A 127 -21.33 4.08 6.40
CA GLU A 127 -21.98 3.21 5.47
C GLU A 127 -21.04 2.06 5.18
N PHE A 128 -21.59 0.84 5.02
CA PHE A 128 -20.82 -0.33 4.63
C PHE A 128 -21.46 -0.91 3.36
N PHE A 129 -20.65 -1.13 2.35
CA PHE A 129 -21.21 -1.70 1.11
C PHE A 129 -20.16 -2.58 0.49
N TYR A 130 -20.58 -3.47 -0.42
CA TYR A 130 -19.62 -4.27 -1.15
C TYR A 130 -19.73 -3.95 -2.63
N GLU A 131 -20.95 -4.05 -3.17
CA GLU A 131 -21.22 -3.88 -4.60
C GLU A 131 -21.07 -2.48 -5.08
N THR A 132 -20.38 -2.30 -6.18
CA THR A 132 -20.30 -0.97 -6.74
C THR A 132 -20.05 -1.15 -8.22
N GLU A 133 -20.56 -0.26 -9.07
CA GLU A 133 -20.27 -0.32 -10.48
C GLU A 133 -18.79 0.03 -10.71
N HIS A 134 -18.12 -0.70 -11.61
CA HIS A 134 -16.72 -0.42 -11.93
C HIS A 134 -16.75 0.59 -13.08
N VAL A 135 -15.76 1.47 -13.11
CA VAL A 135 -15.67 2.45 -14.18
C VAL A 135 -14.22 2.42 -14.68
N GLU A 136 -13.97 3.11 -15.77
CA GLU A 136 -12.65 3.14 -16.38
C GLU A 136 -11.60 3.59 -15.38
N ARG A 137 -10.63 2.74 -15.09
CA ARG A 137 -9.62 3.13 -14.10
C ARG A 137 -8.63 4.02 -14.91
N LEU A 138 -8.42 5.27 -14.51
CA LEU A 138 -7.62 6.22 -15.30
C LEU A 138 -6.12 6.25 -15.02
N THR A 139 -5.64 5.21 -14.31
CA THR A 139 -4.26 5.18 -13.88
C THR A 139 -3.24 5.62 -14.94
N GLN A 140 -3.38 5.08 -16.15
CA GLN A 140 -2.43 5.38 -17.23
C GLN A 140 -2.97 6.35 -18.28
N ARG A 141 -3.99 7.13 -17.91
CA ARG A 141 -4.53 8.12 -18.85
C ARG A 141 -3.71 9.38 -18.62
N TYR A 142 -2.43 9.31 -18.99
CA TYR A 142 -1.54 10.46 -18.76
C TYR A 142 -1.95 11.66 -19.62
N ASP A 143 -2.79 11.39 -20.60
CA ASP A 143 -3.31 12.50 -21.40
C ASP A 143 -4.30 13.33 -20.55
N LEU A 144 -4.79 12.77 -19.44
CA LEU A 144 -5.70 13.54 -18.56
C LEU A 144 -5.01 14.02 -17.30
N TYR A 145 -3.78 13.60 -17.11
CA TYR A 145 -3.05 13.90 -15.90
C TYR A 145 -2.71 15.37 -15.70
N SER A 146 -3.26 15.98 -14.66
CA SER A 146 -2.91 17.39 -14.46
C SER A 146 -1.69 17.55 -13.52
N ALA A 147 -1.13 18.76 -13.48
CA ALA A 147 0.07 19.01 -12.70
C ALA A 147 -0.08 18.74 -11.20
N GLY A 148 -1.34 18.80 -10.74
CA GLY A 148 -1.61 18.57 -9.33
C GLY A 148 -2.56 17.40 -9.09
N GLU A 149 -2.46 16.38 -9.92
CA GLU A 149 -3.39 15.26 -9.91
C GLU A 149 -3.53 14.53 -8.60
N LEU A 150 -4.78 14.33 -8.18
CA LEU A 150 -5.13 13.60 -6.94
C LEU A 150 -5.30 12.16 -7.40
N VAL A 151 -4.51 11.25 -6.87
CA VAL A 151 -4.58 9.92 -7.40
C VAL A 151 -5.38 8.92 -6.65
N ARG A 152 -5.57 9.15 -5.36
CA ARG A 152 -6.41 8.19 -4.64
C ARG A 152 -6.94 8.73 -3.35
N LEU A 153 -8.08 8.21 -2.89
CA LEU A 153 -8.67 8.64 -1.63
C LEU A 153 -7.92 7.87 -0.55
N ASP A 154 -7.48 8.51 0.53
CA ASP A 154 -6.75 7.73 1.53
C ASP A 154 -7.43 7.58 2.85
N HIS A 155 -7.95 8.67 3.41
CA HIS A 155 -8.54 8.50 4.74
C HIS A 155 -9.53 9.62 5.10
N PHE A 156 -10.19 9.38 6.23
CA PHE A 156 -11.08 10.38 6.85
C PHE A 156 -10.41 10.76 8.18
N ASN A 157 -10.81 11.89 8.75
CA ASN A 157 -10.31 12.23 10.07
C ASN A 157 -11.61 12.80 10.79
N GLN A 158 -11.89 12.21 11.96
CA GLN A 158 -13.10 12.51 12.73
C GLN A 158 -12.80 13.20 14.06
N VAL A 159 -13.61 14.18 14.45
CA VAL A 159 -13.38 14.88 15.72
C VAL A 159 -14.43 14.30 16.68
N THR A 160 -14.02 13.91 17.86
CA THR A 160 -14.97 13.32 18.81
C THR A 160 -14.49 13.70 20.20
N PRO A 161 -15.43 13.92 21.15
CA PRO A 161 -14.96 14.33 22.50
C PRO A 161 -14.20 13.29 23.33
N ASP A 162 -14.46 12.02 23.10
CA ASP A 162 -13.82 11.02 23.95
C ASP A 162 -13.03 10.06 23.06
N VAL A 163 -11.75 10.37 22.87
CA VAL A 163 -10.99 9.53 21.98
C VAL A 163 -10.78 8.14 22.54
N PRO A 164 -10.51 8.00 23.86
CA PRO A 164 -10.33 6.59 24.26
C PRO A 164 -11.57 5.72 23.99
N ARG A 165 -12.76 6.29 24.11
CA ARG A 165 -13.95 5.47 23.81
C ARG A 165 -14.02 5.12 22.31
N GLY A 166 -13.71 6.12 21.46
CA GLY A 166 -13.74 5.91 20.03
C GLY A 166 -12.67 4.91 19.62
N ARG A 167 -11.48 5.02 20.20
CA ARG A 167 -10.41 4.09 19.83
C ARG A 167 -10.78 2.64 20.10
N ALA A 168 -11.27 2.37 21.31
CA ALA A 168 -11.63 0.98 21.68
C ALA A 168 -12.76 0.46 20.79
N TYR A 169 -13.68 1.37 20.44
CA TYR A 169 -14.79 1.02 19.55
C TYR A 169 -14.23 0.63 18.17
N LEU A 170 -13.34 1.46 17.62
CA LEU A 170 -12.78 1.09 16.33
C LEU A 170 -11.85 -0.14 16.36
N GLU A 171 -11.15 -0.42 17.46
CA GLU A 171 -10.30 -1.62 17.55
C GLU A 171 -11.22 -2.83 17.52
N ASP A 172 -12.37 -2.73 18.16
CA ASP A 172 -13.28 -3.90 18.13
C ASP A 172 -13.77 -4.13 16.70
N LEU A 173 -13.83 -3.08 15.90
CA LEU A 173 -14.27 -3.21 14.52
C LEU A 173 -13.13 -3.78 13.72
N GLY A 174 -11.96 -3.91 14.33
CA GLY A 174 -10.85 -4.52 13.61
C GLY A 174 -9.78 -3.56 13.04
N PHE A 175 -9.88 -2.26 13.33
CA PHE A 175 -8.89 -1.29 12.86
C PHE A 175 -7.71 -1.44 13.81
N ARG A 176 -6.51 -1.26 13.30
CA ARG A 176 -5.35 -1.37 14.13
C ARG A 176 -4.78 0.03 14.21
N VAL A 177 -4.08 0.30 15.29
CA VAL A 177 -3.47 1.61 15.48
C VAL A 177 -2.05 1.63 14.95
N SER A 178 -1.78 2.48 13.97
CA SER A 178 -0.42 2.61 13.44
C SER A 178 0.37 3.65 14.26
N GLU A 179 -0.27 4.73 14.68
CA GLU A 179 0.38 5.76 15.47
C GLU A 179 -0.68 6.37 16.41
N ASP A 180 -0.21 6.80 17.59
CA ASP A 180 -1.12 7.45 18.50
C ASP A 180 -0.36 8.53 19.26
N ILE A 181 -1.10 9.39 19.96
CA ILE A 181 -0.47 10.43 20.80
C ILE A 181 -1.00 10.11 22.20
N LYS A 182 -0.09 9.98 23.17
CA LYS A 182 -0.54 9.67 24.53
C LYS A 182 0.17 10.56 25.53
N ASP A 183 -0.33 10.62 26.76
CA ASP A 183 0.40 11.39 27.77
C ASP A 183 1.12 10.37 28.62
N SER A 184 1.88 10.87 29.60
CA SER A 184 2.63 10.04 30.54
C SER A 184 1.68 9.05 31.23
N ASP A 185 0.44 9.49 31.48
CA ASP A 185 -0.56 8.63 32.11
C ASP A 185 -1.04 7.51 31.18
N GLY A 186 -0.64 7.57 29.91
CA GLY A 186 -1.03 6.54 28.97
C GLY A 186 -2.41 6.76 28.35
N VAL A 187 -2.95 7.96 28.54
CA VAL A 187 -4.26 8.27 27.99
C VAL A 187 -4.11 8.62 26.49
N THR A 188 -4.98 8.11 25.62
CA THR A 188 -4.90 8.41 24.18
C THR A 188 -5.54 9.76 23.84
N TYR A 189 -4.82 10.65 23.20
CA TYR A 189 -5.35 11.95 22.78
C TYR A 189 -5.79 11.92 21.32
N ALA A 190 -5.20 11.03 20.50
CA ALA A 190 -5.55 10.97 19.06
C ALA A 190 -4.99 9.67 18.59
N ALA A 191 -5.58 9.09 17.57
CA ALA A 191 -5.08 7.82 17.12
C ALA A 191 -5.33 7.73 15.64
N TRP A 192 -4.40 7.06 14.94
CA TRP A 192 -4.43 6.84 13.49
C TRP A 192 -4.75 5.36 13.31
N MET A 193 -5.86 5.04 12.65
CA MET A 193 -6.29 3.65 12.59
C MET A 193 -6.47 3.14 11.20
N HIS A 194 -6.07 1.90 10.97
CA HIS A 194 -6.16 1.39 9.61
C HIS A 194 -6.68 -0.04 9.42
N ARG A 195 -7.27 -0.31 8.24
CA ARG A 195 -7.67 -1.64 7.81
C ARG A 195 -6.74 -1.92 6.62
N LYS A 196 -6.58 -0.96 5.70
CA LYS A 196 -5.68 -1.20 4.55
C LYS A 196 -4.22 -0.95 5.00
N GLN A 197 -3.28 -1.20 4.10
CA GLN A 197 -1.85 -1.11 4.47
C GLN A 197 -1.14 0.22 4.43
N THR A 198 -1.85 1.29 4.73
CA THR A 198 -1.23 2.61 4.81
C THR A 198 -1.38 3.02 6.26
N VAL A 199 -0.94 4.25 6.60
CA VAL A 199 -1.01 4.65 8.00
C VAL A 199 -2.45 4.63 8.57
N HIS A 200 -3.42 5.05 7.75
CA HIS A 200 -4.78 5.04 8.29
C HIS A 200 -5.87 5.09 7.28
N ASP A 201 -7.07 4.63 7.70
CA ASP A 201 -8.29 4.78 6.90
C ASP A 201 -9.09 5.88 7.63
N THR A 202 -8.97 5.90 8.95
CA THR A 202 -9.60 6.98 9.68
C THR A 202 -8.76 7.38 10.85
N ALA A 203 -8.95 8.56 11.40
CA ALA A 203 -8.18 8.93 12.59
C ALA A 203 -9.15 9.64 13.50
N LEU A 204 -8.85 9.60 14.80
CA LEU A 204 -9.73 10.22 15.82
C LEU A 204 -8.96 11.35 16.43
N THR A 205 -9.55 12.55 16.46
CA THR A 205 -8.97 13.82 16.96
C THR A 205 -9.91 14.21 18.12
N GLY A 206 -9.35 14.61 19.27
CA GLY A 206 -10.27 15.02 20.35
C GLY A 206 -10.78 16.43 20.13
N GLY A 207 -12.06 16.70 20.45
CA GLY A 207 -12.57 18.04 20.27
C GLY A 207 -14.09 17.98 20.26
N ASN A 208 -14.78 19.07 19.92
CA ASN A 208 -16.26 19.04 19.95
C ASN A 208 -16.72 18.20 18.78
N GLY A 209 -17.58 17.23 19.02
CA GLY A 209 -18.02 16.39 17.92
C GLY A 209 -19.39 15.84 18.21
N PRO A 210 -19.90 14.96 17.34
CA PRO A 210 -19.20 14.49 16.15
C PRO A 210 -19.10 15.51 15.01
N ARG A 211 -17.86 15.65 14.50
CA ARG A 211 -17.60 16.50 13.36
C ARG A 211 -16.55 15.84 12.44
N MET A 212 -16.60 16.21 11.18
CA MET A 212 -15.67 15.68 10.18
C MET A 212 -14.50 16.65 10.11
N HIS A 213 -13.28 16.19 10.46
CA HIS A 213 -12.17 17.16 10.40
C HIS A 213 -11.66 17.33 8.95
N HIS A 214 -11.39 16.22 8.26
CA HIS A 214 -11.02 16.32 6.86
C HIS A 214 -11.16 14.98 6.18
N VAL A 215 -11.14 15.01 4.83
CA VAL A 215 -11.13 13.83 3.99
C VAL A 215 -9.80 14.06 3.24
N ALA A 216 -9.05 13.00 2.94
CA ALA A 216 -7.70 13.20 2.37
C ALA A 216 -7.49 12.43 1.07
N PHE A 217 -6.82 13.10 0.13
CA PHE A 217 -6.43 12.44 -1.12
C PHE A 217 -4.90 12.48 -1.22
N ALA A 218 -4.34 11.47 -1.90
CA ALA A 218 -2.89 11.44 -2.10
C ALA A 218 -2.53 11.89 -3.53
N THR A 219 -1.31 12.43 -3.70
CA THR A 219 -0.78 12.72 -5.03
C THR A 219 0.41 11.70 -5.17
N HIS A 220 0.99 11.60 -6.38
CA HIS A 220 2.10 10.70 -6.55
C HIS A 220 3.36 11.28 -5.89
N GLU A 221 3.61 12.59 -6.07
CA GLU A 221 4.86 13.18 -5.56
C GLU A 221 4.67 14.51 -4.91
N LYS A 222 5.71 15.02 -4.24
CA LYS A 222 5.57 16.27 -3.55
C LYS A 222 5.32 17.46 -4.48
N HIS A 223 5.97 17.46 -5.64
CA HIS A 223 5.77 18.59 -6.57
C HIS A 223 4.31 18.72 -6.99
N ASN A 224 3.52 17.64 -6.97
CA ASN A 224 2.11 17.78 -7.32
C ASN A 224 1.35 18.64 -6.32
N ILE A 225 1.70 18.52 -5.04
CA ILE A 225 1.04 19.32 -4.01
C ILE A 225 1.47 20.79 -4.13
N ILE A 226 2.75 20.99 -4.41
CA ILE A 226 3.20 22.35 -4.61
C ILE A 226 2.43 23.02 -5.75
N GLN A 227 2.19 22.27 -6.82
CA GLN A 227 1.48 22.84 -7.98
C GLN A 227 0.08 23.24 -7.56
N ILE A 228 -0.55 22.49 -6.65
CA ILE A 228 -1.90 22.91 -6.25
C ILE A 228 -1.82 24.28 -5.57
N CYS A 229 -0.81 24.48 -4.75
CA CYS A 229 -0.70 25.77 -4.12
C CYS A 229 -0.46 26.88 -5.14
N ASP A 230 0.44 26.63 -6.07
CA ASP A 230 0.77 27.64 -7.07
C ASP A 230 -0.48 28.02 -7.89
N LYS A 231 -1.26 27.00 -8.26
CA LYS A 231 -2.48 27.26 -9.06
C LYS A 231 -3.49 28.10 -8.22
N MET A 232 -3.67 27.72 -6.96
CA MET A 232 -4.57 28.52 -6.12
C MET A 232 -4.07 29.94 -5.98
N GLY A 233 -2.75 30.15 -5.90
CA GLY A 233 -2.29 31.54 -5.82
C GLY A 233 -2.57 32.27 -7.12
N ALA A 234 -2.39 31.61 -8.27
CA ALA A 234 -2.66 32.24 -9.55
C ALA A 234 -4.15 32.59 -9.67
N LEU A 235 -5.00 31.76 -9.08
CA LEU A 235 -6.44 32.00 -9.18
C LEU A 235 -6.91 32.95 -8.12
N ARG A 236 -5.99 33.39 -7.28
CA ARG A 236 -6.35 34.32 -6.25
C ARG A 236 -7.21 33.72 -5.16
N ILE A 237 -7.07 32.43 -4.88
CA ILE A 237 -7.85 31.87 -3.78
C ILE A 237 -6.90 31.24 -2.79
N SER A 238 -5.77 31.90 -2.60
CA SER A 238 -4.79 31.36 -1.67
C SER A 238 -5.30 31.51 -0.23
N ASP A 239 -6.32 32.34 -0.02
CA ASP A 239 -6.84 32.43 1.34
C ASP A 239 -7.62 31.13 1.68
N ARG A 240 -7.84 30.24 0.70
CA ARG A 240 -8.49 28.95 0.99
C ARG A 240 -7.42 27.89 1.38
N ILE A 241 -6.12 28.26 1.36
CA ILE A 241 -5.09 27.33 1.82
C ILE A 241 -4.99 27.55 3.31
N GLU A 242 -5.36 26.57 4.09
CA GLU A 242 -5.39 26.74 5.52
C GLU A 242 -4.11 26.44 6.23
N ARG A 243 -3.47 25.33 5.88
CA ARG A 243 -2.28 24.94 6.57
C ARG A 243 -1.34 24.15 5.66
N GLY A 244 -0.04 24.44 5.74
CA GLY A 244 0.93 23.71 4.91
C GLY A 244 1.32 24.58 3.72
N PRO A 245 2.15 24.05 2.81
CA PRO A 245 2.69 22.69 2.92
C PRO A 245 3.63 22.42 4.06
N GLY A 246 3.55 21.19 4.56
CA GLY A 246 4.41 20.81 5.68
C GLY A 246 4.61 19.32 5.76
N ARG A 247 5.34 18.87 6.78
CA ARG A 247 5.54 17.45 6.98
C ARG A 247 5.05 17.19 8.42
N HIS A 248 4.10 16.26 8.56
CA HIS A 248 3.59 15.91 9.88
C HIS A 248 4.64 14.96 10.53
N GLY A 249 4.88 15.05 11.82
CA GLY A 249 5.75 14.06 12.46
C GLY A 249 4.89 12.80 12.48
N VAL A 250 3.70 12.87 13.11
CA VAL A 250 2.77 11.71 13.08
C VAL A 250 2.38 11.41 11.61
N SER A 251 2.52 10.17 11.19
CA SER A 251 2.17 9.64 9.85
C SER A 251 3.25 9.90 8.82
N ASN A 252 4.14 10.86 9.10
CA ASN A 252 5.23 11.20 8.16
C ASN A 252 4.76 11.80 6.81
N ALA A 253 3.50 12.23 6.73
CA ALA A 253 2.96 12.76 5.44
C ALA A 253 3.45 14.14 5.09
N PHE A 254 3.72 14.37 3.81
CA PHE A 254 4.05 15.72 3.37
C PHE A 254 2.58 16.18 3.06
N TYR A 255 2.10 17.27 3.68
CA TYR A 255 0.69 17.61 3.60
C TYR A 255 0.34 19.01 3.20
N LEU A 256 -0.92 19.17 2.88
CA LEU A 256 -1.47 20.48 2.54
C LEU A 256 -2.97 20.42 2.96
N TYR A 257 -3.49 21.45 3.62
CA TYR A 257 -4.93 21.43 3.94
C TYR A 257 -5.56 22.65 3.31
N ILE A 258 -6.63 22.43 2.56
CA ILE A 258 -7.32 23.52 1.89
C ILE A 258 -8.82 23.46 2.22
N LEU A 259 -9.52 24.57 1.98
CA LEU A 259 -10.93 24.63 2.36
C LEU A 259 -11.80 24.77 1.13
N ASP A 260 -12.85 23.96 1.04
CA ASP A 260 -13.76 24.08 -0.12
C ASP A 260 -14.68 25.30 0.08
N PRO A 261 -15.53 25.62 -0.91
CA PRO A 261 -16.42 26.77 -0.74
C PRO A 261 -17.29 26.81 0.51
N ASP A 262 -17.66 25.66 1.05
CA ASP A 262 -18.48 25.61 2.25
C ASP A 262 -17.64 25.46 3.46
N GLY A 263 -16.32 25.51 3.32
CA GLY A 263 -15.50 25.37 4.51
C GLY A 263 -15.15 23.92 4.82
N HIS A 264 -15.51 22.96 3.98
CA HIS A 264 -15.13 21.57 4.34
C HIS A 264 -13.62 21.48 4.07
N ARG A 265 -12.88 20.82 4.97
CA ARG A 265 -11.43 20.70 4.88
C ARG A 265 -10.98 19.47 4.09
N ILE A 266 -10.12 19.71 3.10
CA ILE A 266 -9.58 18.63 2.24
C ILE A 266 -8.10 18.56 2.52
N GLU A 267 -7.60 17.37 2.78
CA GLU A 267 -6.15 17.24 2.95
C GLU A 267 -5.61 16.62 1.66
N ILE A 268 -4.51 17.15 1.11
CA ILE A 268 -3.87 16.55 -0.04
C ILE A 268 -2.51 16.18 0.56
N TYR A 269 -2.06 14.94 0.43
CA TYR A 269 -0.76 14.62 1.02
C TYR A 269 -0.06 13.59 0.14
N THR A 270 1.20 13.32 0.46
CA THR A 270 1.87 12.24 -0.21
C THR A 270 2.88 11.68 0.77
N GLN A 271 3.32 10.47 0.47
CA GLN A 271 4.32 9.71 1.20
C GLN A 271 3.65 8.88 2.30
N ASP A 272 3.49 7.60 2.03
CA ASP A 272 2.84 6.69 3.00
C ASP A 272 3.94 5.77 3.44
N TYR A 273 3.66 4.88 4.38
CA TYR A 273 4.65 3.81 4.63
C TYR A 273 3.79 2.60 4.88
N TYR A 274 4.39 1.43 4.74
CA TYR A 274 3.65 0.18 4.82
C TYR A 274 3.32 -0.26 6.27
N THR A 275 2.03 -0.55 6.54
CA THR A 275 1.60 -0.94 7.87
C THR A 275 1.01 -2.34 7.92
N GLY A 276 1.17 -3.07 6.83
CA GLY A 276 0.52 -4.37 6.75
C GLY A 276 0.95 -5.56 7.59
N ASP A 277 2.13 -5.52 8.20
CA ASP A 277 2.54 -6.69 8.93
C ASP A 277 1.69 -6.82 10.21
N PRO A 278 1.43 -8.04 10.63
CA PRO A 278 0.61 -8.23 11.83
C PRO A 278 1.14 -7.57 13.11
N ASP A 279 2.46 -7.37 13.20
CA ASP A 279 3.05 -6.79 14.38
C ASP A 279 3.69 -5.44 14.05
N ASN A 280 3.16 -4.77 13.04
CA ASN A 280 3.64 -3.46 12.66
C ASN A 280 3.73 -2.67 13.97
N PRO A 281 4.88 -2.13 14.26
CA PRO A 281 5.07 -1.37 15.50
C PRO A 281 4.22 -0.09 15.63
N THR A 282 3.47 0.08 16.71
CA THR A 282 2.72 1.33 16.84
C THR A 282 3.70 2.39 17.25
N ILE A 283 3.63 3.58 16.68
CA ILE A 283 4.50 4.66 17.09
C ILE A 283 3.69 5.55 18.02
N THR A 284 4.14 5.71 19.26
CA THR A 284 3.42 6.55 20.21
C THR A 284 4.17 7.87 20.39
N TRP A 285 3.50 8.98 20.17
CA TRP A 285 4.08 10.29 20.31
C TRP A 285 3.60 10.87 21.61
N ASP A 286 4.49 11.60 22.27
CA ASP A 286 4.16 12.26 23.52
C ASP A 286 3.40 13.51 23.21
N VAL A 287 2.36 13.81 23.99
CA VAL A 287 1.55 15.03 23.75
C VAL A 287 2.36 16.30 23.74
N HIS A 288 3.49 16.33 24.43
CA HIS A 288 4.33 17.55 24.44
C HIS A 288 5.41 17.63 23.36
N ASP A 289 5.53 16.59 22.54
CA ASP A 289 6.57 16.58 21.51
C ASP A 289 6.09 17.49 20.39
N ASN A 290 6.71 18.66 20.18
CA ASN A 290 6.24 19.57 19.11
C ASN A 290 6.30 18.97 17.73
N GLN A 291 7.32 18.14 17.51
CA GLN A 291 7.48 17.56 16.20
C GLN A 291 6.38 16.62 15.78
N ARG A 292 5.51 16.26 16.69
CA ARG A 292 4.47 15.37 16.24
C ARG A 292 3.56 16.11 15.28
N ARG A 293 3.36 17.41 15.48
CA ARG A 293 2.45 18.13 14.60
C ARG A 293 3.10 18.57 13.30
N ASP A 294 4.30 19.16 13.46
CA ASP A 294 5.03 19.64 12.31
C ASP A 294 6.49 19.30 12.52
N TRP A 295 7.01 18.48 11.63
CA TRP A 295 8.39 18.07 11.67
C TRP A 295 9.31 19.27 11.45
N TRP A 296 8.82 20.30 10.75
CA TRP A 296 9.65 21.45 10.46
C TRP A 296 9.36 22.60 11.39
N GLY A 297 8.51 22.37 12.38
CA GLY A 297 8.12 23.38 13.37
C GLY A 297 7.26 24.55 12.84
N ASN A 298 6.58 24.39 11.69
CA ASN A 298 5.76 25.46 11.08
C ASN A 298 4.84 25.93 12.18
N PRO A 299 4.48 27.22 12.18
CA PRO A 299 3.58 27.73 13.21
C PRO A 299 2.18 27.07 13.19
N VAL A 300 1.59 27.00 14.39
CA VAL A 300 0.24 26.44 14.56
C VAL A 300 -0.77 27.33 13.82
N VAL A 301 -1.84 26.72 13.33
CA VAL A 301 -2.90 27.48 12.63
C VAL A 301 -4.14 27.20 13.49
N PRO A 302 -4.63 28.20 14.23
CA PRO A 302 -5.80 27.98 15.11
C PRO A 302 -7.05 27.32 14.52
N SER A 303 -7.48 27.80 13.36
CA SER A 303 -8.70 27.23 12.77
C SER A 303 -8.64 25.69 12.64
N TRP A 304 -7.43 25.15 12.45
CA TRP A 304 -7.27 23.70 12.24
C TRP A 304 -7.77 22.91 13.43
N TYR A 305 -7.69 23.51 14.61
CA TYR A 305 -8.12 22.88 15.85
C TYR A 305 -9.54 23.23 16.26
N THR A 306 -10.13 24.26 15.66
CA THR A 306 -11.47 24.60 16.04
C THR A 306 -12.55 24.34 14.99
N GLU A 307 -12.26 24.53 13.69
CA GLU A 307 -13.29 24.37 12.64
C GLU A 307 -13.32 22.94 12.09
N ALA A 308 -14.54 22.43 11.84
CA ALA A 308 -14.72 21.07 11.33
C ALA A 308 -16.16 21.05 10.84
N SER A 309 -16.50 20.06 10.06
CA SER A 309 -17.81 20.00 9.44
C SER A 309 -18.86 19.23 10.24
N LEU A 310 -20.11 19.70 10.18
CA LEU A 310 -21.19 18.96 10.83
C LEU A 310 -21.40 17.64 10.07
N VAL A 311 -21.96 16.64 10.75
CA VAL A 311 -22.30 15.38 10.13
C VAL A 311 -23.82 15.22 10.33
N LEU A 312 -24.46 14.46 9.45
CA LEU A 312 -25.92 14.29 9.47
C LEU A 312 -26.34 12.98 10.06
N ASP A 313 -27.58 12.91 10.57
CA ASP A 313 -28.09 11.65 11.09
C ASP A 313 -28.74 10.98 9.89
N LEU A 314 -29.31 9.80 10.07
CA LEU A 314 -29.90 9.14 8.93
C LEU A 314 -31.15 9.81 8.34
N ASP A 315 -31.75 10.79 9.03
CA ASP A 315 -32.91 11.51 8.47
C ASP A 315 -32.41 12.73 7.71
N GLY A 316 -31.10 12.95 7.70
CA GLY A 316 -30.61 14.10 6.98
C GLY A 316 -30.52 15.36 7.84
N ASN A 317 -30.64 15.25 9.15
CA ASN A 317 -30.54 16.44 10.02
C ASN A 317 -29.20 16.43 10.72
N PRO A 318 -28.61 17.62 10.95
CA PRO A 318 -27.31 17.66 11.62
C PRO A 318 -27.33 17.03 12.98
N GLN A 319 -26.27 16.31 13.32
CA GLN A 319 -26.11 15.71 14.67
C GLN A 319 -25.66 16.87 15.55
N PRO A 320 -26.27 17.01 16.74
CA PRO A 320 -25.88 18.10 17.62
C PRO A 320 -24.43 17.90 18.04
N VAL A 321 -23.69 18.99 18.14
CA VAL A 321 -22.29 18.93 18.53
C VAL A 321 -22.11 19.02 20.03
N ILE A 322 -21.45 18.01 20.60
CA ILE A 322 -21.18 18.01 22.03
C ILE A 322 -19.93 18.87 22.26
N VAL A 323 -20.08 19.96 23.02
CA VAL A 323 -19.01 20.91 23.33
C VAL A 323 -18.30 20.58 24.64
N ASN B 3 0.92 -31.64 -15.87
CA ASN B 3 0.73 -30.18 -16.02
C ASN B 3 0.57 -29.55 -14.67
N PHE B 4 -0.66 -29.42 -14.19
CA PHE B 4 -0.88 -28.72 -12.93
C PHE B 4 -0.46 -29.33 -11.63
N VAL B 5 0.04 -28.48 -10.75
CA VAL B 5 0.41 -28.91 -9.43
C VAL B 5 -0.91 -29.20 -8.73
N PRO B 6 -1.00 -30.34 -8.03
CA PRO B 6 -2.27 -30.62 -7.34
C PRO B 6 -2.55 -29.57 -6.26
N THR B 7 -3.82 -29.37 -5.95
CA THR B 7 -4.21 -28.43 -4.90
C THR B 7 -4.32 -29.24 -3.61
N PRO B 8 -3.43 -29.02 -2.62
CA PRO B 8 -3.50 -29.78 -1.37
C PRO B 8 -4.86 -29.73 -0.66
N SER B 9 -5.14 -30.69 0.23
CA SER B 9 -6.41 -30.66 0.94
C SER B 9 -6.26 -29.77 2.20
N VAL B 10 -5.04 -29.47 2.61
CA VAL B 10 -4.80 -28.60 3.78
C VAL B 10 -4.75 -27.15 3.25
N PRO B 11 -5.19 -26.20 4.07
CA PRO B 11 -5.20 -24.80 3.64
C PRO B 11 -3.82 -24.23 3.34
N ALA B 12 -3.76 -23.26 2.43
CA ALA B 12 -2.47 -22.67 2.16
C ALA B 12 -2.08 -21.81 3.36
N PRO B 13 -0.79 -21.59 3.58
CA PRO B 13 -0.35 -20.73 4.70
C PRO B 13 -0.81 -19.30 4.32
N ASP B 14 -1.15 -18.49 5.30
CA ASP B 14 -1.59 -17.12 5.04
C ASP B 14 -0.30 -16.27 4.88
N ILE B 15 0.03 -15.87 3.65
CA ILE B 15 1.24 -15.12 3.37
C ILE B 15 0.94 -13.63 3.39
N VAL B 16 1.77 -12.84 4.08
CA VAL B 16 1.56 -11.40 4.15
C VAL B 16 2.27 -10.66 3.01
N ARG B 17 3.54 -10.96 2.81
CA ARG B 17 4.28 -10.23 1.77
C ARG B 17 5.63 -10.89 1.54
N CYS B 18 6.32 -10.52 0.45
CA CYS B 18 7.70 -10.99 0.32
C CYS B 18 8.47 -10.19 1.37
N ALA B 19 9.51 -10.79 1.98
CA ALA B 19 10.20 -10.10 3.07
C ALA B 19 11.70 -9.92 2.86
N TYR B 20 12.34 -10.95 2.32
CA TYR B 20 13.78 -10.84 2.07
C TYR B 20 14.28 -11.87 1.13
N MET B 21 15.49 -11.65 0.62
CA MET B 21 16.06 -12.66 -0.28
C MET B 21 17.49 -12.95 0.23
N GLU B 22 17.93 -14.20 0.16
CA GLU B 22 19.28 -14.53 0.61
C GLU B 22 20.05 -14.76 -0.65
N ILE B 23 21.10 -13.99 -0.87
CA ILE B 23 21.87 -14.05 -2.11
C ILE B 23 23.29 -14.47 -1.84
N VAL B 24 23.78 -15.42 -2.64
CA VAL B 24 25.17 -15.81 -2.48
C VAL B 24 25.99 -14.98 -3.49
N VAL B 25 27.07 -14.38 -3.03
CA VAL B 25 27.99 -13.53 -3.83
C VAL B 25 29.39 -14.13 -3.77
N THR B 26 30.24 -13.86 -4.74
CA THR B 26 31.56 -14.50 -4.72
C THR B 26 32.63 -13.71 -4.00
N ASP B 27 32.45 -12.40 -3.89
CA ASP B 27 33.41 -11.57 -3.19
C ASP B 27 32.59 -10.61 -2.29
N LEU B 28 32.51 -10.92 -1.00
CA LEU B 28 31.75 -10.14 -0.10
C LEU B 28 32.12 -8.66 -0.04
N ALA B 29 33.40 -8.37 -0.08
CA ALA B 29 33.81 -6.98 0.02
C ALA B 29 33.40 -6.19 -1.23
N LYS B 30 33.52 -6.81 -2.40
CA LYS B 30 33.11 -6.15 -3.63
C LYS B 30 31.57 -5.93 -3.57
N SER B 31 30.82 -6.95 -3.15
CA SER B 31 29.37 -6.78 -3.08
C SER B 31 28.98 -5.76 -2.05
N ARG B 32 29.68 -5.73 -0.91
CA ARG B 32 29.37 -4.72 0.11
C ARG B 32 29.55 -3.32 -0.45
N GLU B 33 30.58 -3.15 -1.27
CA GLU B 33 30.78 -1.82 -1.83
C GLU B 33 29.58 -1.38 -2.65
N PHE B 34 29.05 -2.29 -3.44
CA PHE B 34 27.91 -1.98 -4.29
C PHE B 34 26.63 -1.72 -3.51
N TYR B 35 26.27 -2.67 -2.64
CA TYR B 35 25.01 -2.55 -1.88
C TYR B 35 25.03 -1.48 -0.84
N VAL B 36 26.17 -1.25 -0.20
CA VAL B 36 26.20 -0.26 0.87
C VAL B 36 26.77 1.08 0.41
N ASP B 37 27.96 1.06 -0.15
CA ASP B 37 28.53 2.36 -0.59
C ASP B 37 27.85 2.95 -1.81
N VAL B 38 27.48 2.13 -2.77
CA VAL B 38 26.82 2.70 -3.92
C VAL B 38 25.30 2.85 -3.70
N LEU B 39 24.61 1.75 -3.38
CA LEU B 39 23.18 1.84 -3.21
C LEU B 39 22.70 2.42 -1.90
N GLY B 40 23.53 2.41 -0.86
CA GLY B 40 23.09 3.06 0.37
C GLY B 40 22.16 2.21 1.26
N LEU B 41 22.08 0.89 1.03
CA LEU B 41 21.26 0.06 1.93
C LEU B 41 21.91 0.11 3.35
N HIS B 42 21.08 -0.13 4.38
CA HIS B 42 21.51 -0.02 5.75
C HIS B 42 21.89 -1.37 6.31
N VAL B 43 23.03 -1.36 6.94
CA VAL B 43 23.55 -2.60 7.48
C VAL B 43 22.88 -2.89 8.84
N THR B 44 22.19 -3.98 8.98
CA THR B 44 21.63 -4.30 10.29
C THR B 44 22.76 -4.90 11.14
N GLU B 45 23.46 -5.85 10.58
CA GLU B 45 24.63 -6.43 11.24
C GLU B 45 25.45 -7.18 10.19
N GLU B 46 26.72 -7.46 10.50
CA GLU B 46 27.50 -8.21 9.53
C GLU B 46 28.63 -8.99 10.24
N ASP B 47 29.20 -9.95 9.54
CA ASP B 47 30.37 -10.67 10.08
C ASP B 47 31.28 -10.93 8.90
N GLU B 48 32.30 -11.77 9.11
CA GLU B 48 33.25 -12.05 8.06
C GLU B 48 32.67 -12.68 6.82
N ASN B 49 31.55 -13.38 6.99
CA ASN B 49 30.92 -14.07 5.88
C ASN B 49 29.54 -13.65 5.39
N THR B 50 28.87 -12.75 6.10
CA THR B 50 27.54 -12.44 5.70
C THR B 50 27.21 -11.02 6.10
N ILE B 51 26.33 -10.39 5.31
CA ILE B 51 25.94 -9.01 5.57
C ILE B 51 24.42 -9.01 5.54
N TYR B 52 23.82 -8.37 6.53
CA TYR B 52 22.38 -8.29 6.65
C TYR B 52 22.00 -6.85 6.35
N LEU B 53 21.21 -6.65 5.29
CA LEU B 53 20.84 -5.27 4.92
C LEU B 53 19.33 -5.05 4.97
N ARG B 54 18.93 -3.80 5.21
CA ARG B 54 17.50 -3.47 5.19
C ARG B 54 17.32 -2.11 4.51
N SER B 55 16.10 -1.88 4.00
CA SER B 55 15.78 -0.60 3.37
C SER B 55 15.36 0.37 4.44
N LEU B 56 15.18 1.62 4.03
CA LEU B 56 14.87 2.68 4.99
C LEU B 56 13.65 2.48 5.87
N GLU B 57 12.55 1.97 5.32
CA GLU B 57 11.34 1.92 6.13
C GLU B 57 11.04 0.55 6.69
N GLU B 58 12.02 -0.33 6.67
CA GLU B 58 11.79 -1.68 7.15
C GLU B 58 12.00 -1.74 8.66
N PHE B 59 11.22 -2.58 9.35
CA PHE B 59 11.45 -2.74 10.79
C PHE B 59 11.86 -4.20 11.06
N ILE B 60 11.69 -5.11 10.09
CA ILE B 60 12.14 -6.49 10.40
C ILE B 60 13.65 -6.53 10.27
N HIS B 61 14.26 -7.63 10.66
CA HIS B 61 15.72 -7.64 10.70
C HIS B 61 16.46 -7.30 9.41
N HIS B 62 15.97 -7.81 8.28
CA HIS B 62 16.69 -7.52 7.01
C HIS B 62 15.81 -7.77 5.80
N ASN B 63 16.18 -7.18 4.65
CA ASN B 63 15.48 -7.42 3.38
C ASN B 63 16.41 -8.17 2.47
N LEU B 64 17.72 -8.14 2.78
CA LEU B 64 18.68 -8.85 1.94
C LEU B 64 19.77 -9.43 2.80
N VAL B 65 20.18 -10.63 2.46
CA VAL B 65 21.29 -11.26 3.15
C VAL B 65 22.26 -11.56 2.07
N LEU B 66 23.50 -11.07 2.22
CA LEU B 66 24.54 -11.38 1.26
C LEU B 66 25.47 -12.37 1.99
N ARG B 67 25.71 -13.52 1.36
CA ARG B 67 26.50 -14.58 1.92
C ARG B 67 27.61 -14.92 0.94
N GLN B 68 28.82 -15.06 1.42
CA GLN B 68 29.86 -15.40 0.49
C GLN B 68 29.79 -16.88 0.19
N GLY B 69 30.01 -17.23 -1.07
CA GLY B 69 29.93 -18.63 -1.46
C GLY B 69 30.74 -18.83 -2.72
N PRO B 70 30.89 -20.08 -3.14
CA PRO B 70 31.68 -20.34 -4.36
C PRO B 70 30.94 -20.05 -5.67
N ILE B 71 29.62 -20.13 -5.66
CA ILE B 71 28.84 -19.88 -6.88
C ILE B 71 27.77 -18.81 -6.64
N ALA B 72 27.77 -17.72 -7.44
CA ALA B 72 26.76 -16.69 -7.26
C ALA B 72 25.40 -17.33 -7.54
N ALA B 73 24.46 -17.15 -6.61
CA ALA B 73 23.15 -17.77 -6.77
C ALA B 73 22.22 -17.22 -5.70
N VAL B 74 20.94 -17.62 -5.78
CA VAL B 74 19.94 -17.21 -4.84
C VAL B 74 19.64 -18.41 -3.99
N ALA B 75 19.81 -18.25 -2.68
CA ALA B 75 19.64 -19.33 -1.71
C ALA B 75 18.19 -19.41 -1.19
N ALA B 76 17.47 -18.29 -1.18
CA ALA B 76 16.09 -18.35 -0.63
C ALA B 76 15.26 -17.12 -0.99
N PHE B 77 13.99 -17.34 -1.27
CA PHE B 77 13.05 -16.20 -1.51
C PHE B 77 12.18 -16.35 -0.24
N ALA B 78 12.20 -15.35 0.64
CA ALA B 78 11.46 -15.50 1.90
C ALA B 78 10.21 -14.65 1.99
N TYR B 79 9.14 -15.27 2.52
CA TYR B 79 7.83 -14.61 2.65
C TYR B 79 7.47 -14.62 4.10
N ARG B 80 6.94 -13.49 4.60
CA ARG B 80 6.53 -13.50 5.98
C ARG B 80 5.07 -13.96 6.01
N VAL B 81 4.73 -14.81 6.99
CA VAL B 81 3.37 -15.32 7.12
C VAL B 81 2.68 -14.63 8.26
N LYS B 82 1.36 -14.83 8.34
CA LYS B 82 0.59 -14.07 9.32
C LYS B 82 0.71 -14.32 10.81
N SER B 83 1.07 -15.52 11.20
CA SER B 83 1.20 -15.82 12.63
C SER B 83 2.07 -17.07 12.67
N PRO B 84 2.51 -17.46 13.88
CA PRO B 84 3.35 -18.66 14.02
C PRO B 84 2.67 -19.90 13.49
N ALA B 85 1.35 -20.03 13.69
CA ALA B 85 0.64 -21.21 13.23
C ALA B 85 0.79 -21.36 11.71
N GLU B 86 1.06 -20.26 11.00
CA GLU B 86 1.13 -20.36 9.54
C GLU B 86 2.42 -20.99 9.09
N VAL B 87 3.43 -21.03 9.95
CA VAL B 87 4.64 -21.70 9.56
C VAL B 87 4.27 -23.18 9.55
N ASP B 88 3.56 -23.64 10.59
CA ASP B 88 3.09 -25.04 10.55
C ASP B 88 2.28 -25.33 9.29
N ALA B 89 1.37 -24.42 8.93
CA ALA B 89 0.53 -24.62 7.76
C ALA B 89 1.34 -24.73 6.49
N ALA B 90 2.40 -23.94 6.39
CA ALA B 90 3.25 -23.94 5.20
C ALA B 90 3.97 -25.30 5.13
N GLU B 91 4.44 -25.78 6.28
CA GLU B 91 5.13 -27.07 6.28
C GLU B 91 4.22 -28.18 5.83
N ALA B 92 3.00 -28.19 6.38
CA ALA B 92 2.03 -29.23 6.02
C ALA B 92 1.63 -29.17 4.55
N TYR B 93 1.43 -27.96 4.04
CA TYR B 93 1.01 -27.81 2.65
C TYR B 93 2.03 -28.39 1.70
N TYR B 94 3.30 -28.03 1.86
CA TYR B 94 4.31 -28.53 0.93
C TYR B 94 4.61 -30.03 1.10
N LYS B 95 4.47 -30.52 2.34
CA LYS B 95 4.64 -31.95 2.55
C LYS B 95 3.54 -32.67 1.79
N GLU B 96 2.32 -32.15 1.78
CA GLU B 96 1.30 -32.86 1.04
C GLU B 96 1.63 -32.88 -0.47
N LEU B 97 2.30 -31.85 -0.97
CA LEU B 97 2.68 -31.80 -2.36
C LEU B 97 3.86 -32.69 -2.62
N GLY B 98 4.44 -33.24 -1.57
CA GLY B 98 5.58 -34.10 -1.78
C GLY B 98 6.92 -33.40 -1.96
N CYS B 99 6.98 -32.12 -1.62
CA CYS B 99 8.22 -31.31 -1.79
C CYS B 99 9.11 -31.53 -0.62
N ARG B 100 10.39 -31.41 -0.85
CA ARG B 100 11.30 -31.51 0.23
C ARG B 100 11.13 -30.26 1.08
N THR B 101 11.14 -30.42 2.40
CA THR B 101 11.00 -29.32 3.35
C THR B 101 12.01 -29.45 4.47
N GLU B 102 12.45 -28.33 5.03
CA GLU B 102 13.37 -28.37 6.12
C GLU B 102 12.93 -27.30 7.10
N ARG B 103 12.69 -27.71 8.34
CA ARG B 103 12.25 -26.77 9.37
C ARG B 103 13.31 -26.50 10.42
N ARG B 104 13.55 -25.25 10.74
CA ARG B 104 14.51 -24.93 11.78
C ARG B 104 13.88 -23.93 12.75
N LYS B 105 13.59 -24.40 13.95
CA LYS B 105 12.95 -23.56 14.95
C LYS B 105 13.79 -22.35 15.25
N GLU B 106 15.08 -22.45 15.01
CA GLU B 106 15.99 -21.36 15.30
C GLU B 106 16.30 -20.48 14.08
N GLY B 107 15.68 -20.79 12.96
CA GLY B 107 15.87 -20.00 11.74
C GLY B 107 17.03 -20.40 10.88
N PHE B 108 17.05 -19.92 9.63
CA PHE B 108 18.15 -20.23 8.73
C PHE B 108 19.09 -19.03 8.62
N THR B 109 18.57 -17.83 8.90
CA THR B 109 19.45 -16.66 8.81
C THR B 109 19.28 -15.90 10.14
N LYS B 110 20.30 -15.17 10.53
CA LYS B 110 20.21 -14.39 11.76
C LYS B 110 19.01 -13.41 11.79
N GLY B 111 18.43 -13.26 12.98
CA GLY B 111 17.30 -12.37 13.19
C GLY B 111 15.97 -12.96 12.73
N ILE B 112 15.95 -14.17 12.19
CA ILE B 112 14.67 -14.76 11.80
C ILE B 112 14.49 -15.95 12.72
N GLY B 113 13.25 -16.16 13.15
CA GLY B 113 12.96 -17.30 14.04
C GLY B 113 12.51 -18.56 13.32
N ASP B 114 11.60 -19.28 13.96
CA ASP B 114 11.07 -20.54 13.43
C ASP B 114 10.74 -20.37 11.93
N SER B 115 11.31 -21.21 11.08
CA SER B 115 11.10 -21.05 9.63
C SER B 115 11.05 -22.38 8.95
N VAL B 116 10.36 -22.43 7.83
CA VAL B 116 10.41 -23.65 7.04
C VAL B 116 10.88 -23.23 5.61
N ARG B 117 11.85 -23.97 5.09
CA ARG B 117 12.32 -23.75 3.72
C ARG B 117 11.86 -24.94 2.91
N VAL B 118 11.53 -24.71 1.65
CA VAL B 118 11.08 -25.79 0.82
C VAL B 118 11.64 -25.68 -0.59
N GLU B 119 11.79 -26.83 -1.27
CA GLU B 119 12.15 -26.81 -2.69
C GLU B 119 10.76 -26.92 -3.28
N ASP B 120 10.24 -25.80 -3.79
CA ASP B 120 8.89 -25.81 -4.30
C ASP B 120 8.71 -26.56 -5.60
N PRO B 121 7.48 -26.75 -6.01
CA PRO B 121 7.23 -27.50 -7.25
C PRO B 121 7.87 -26.96 -8.48
N LEU B 122 8.29 -25.70 -8.49
CA LEU B 122 8.90 -25.13 -9.68
C LEU B 122 10.45 -25.09 -9.49
N GLY B 123 10.94 -25.67 -8.40
CA GLY B 123 12.36 -25.72 -8.12
C GLY B 123 12.96 -24.55 -7.36
N PHE B 124 12.13 -23.64 -6.85
CA PHE B 124 12.61 -22.49 -6.11
C PHE B 124 12.71 -22.72 -4.62
N PRO B 125 13.71 -22.15 -3.99
CA PRO B 125 13.87 -22.31 -2.53
C PRO B 125 13.03 -21.22 -1.85
N TYR B 126 11.85 -21.58 -1.34
CA TYR B 126 10.96 -20.65 -0.68
C TYR B 126 11.08 -20.80 0.81
N GLU B 127 11.08 -19.70 1.54
CA GLU B 127 11.10 -19.79 2.97
C GLU B 127 9.85 -19.11 3.50
N PHE B 128 9.23 -19.66 4.56
CA PHE B 128 8.10 -19.01 5.23
C PHE B 128 8.47 -18.82 6.71
N PHE B 129 8.31 -17.61 7.23
CA PHE B 129 8.63 -17.41 8.63
C PHE B 129 7.68 -16.38 9.17
N TYR B 130 7.55 -16.35 10.50
CA TYR B 130 6.77 -15.27 11.12
C TYR B 130 7.68 -14.45 12.03
N GLU B 131 8.34 -15.10 12.98
CA GLU B 131 9.20 -14.42 13.97
C GLU B 131 10.44 -13.75 13.38
N THR B 132 10.69 -12.52 13.78
CA THR B 132 11.88 -11.87 13.33
C THR B 132 12.18 -10.81 14.36
N GLU B 133 13.45 -10.51 14.55
CA GLU B 133 13.82 -9.44 15.47
C GLU B 133 13.44 -8.08 14.84
N HIS B 134 12.87 -7.18 15.63
CA HIS B 134 12.57 -5.85 15.15
C HIS B 134 13.79 -4.98 15.34
N VAL B 135 14.04 -4.05 14.42
CA VAL B 135 15.18 -3.20 14.57
C VAL B 135 14.67 -1.77 14.38
N GLU B 136 15.51 -0.77 14.57
CA GLU B 136 15.05 0.59 14.47
C GLU B 136 14.53 0.90 13.08
N ARG B 137 13.28 1.36 12.99
CA ARG B 137 12.67 1.65 11.69
C ARG B 137 13.21 3.05 11.33
N LEU B 138 13.90 3.18 10.20
CA LEU B 138 14.58 4.44 9.89
C LEU B 138 13.77 5.43 9.07
N THR B 139 12.48 5.21 9.01
CA THR B 139 11.59 6.03 8.19
C THR B 139 11.82 7.51 8.26
N GLN B 140 11.99 8.01 9.49
CA GLN B 140 12.17 9.45 9.66
C GLN B 140 13.62 9.84 9.99
N ARG B 141 14.59 8.96 9.71
CA ARG B 141 15.99 9.30 9.96
C ARG B 141 16.49 10.04 8.69
N TYR B 142 15.95 11.25 8.47
CA TYR B 142 16.33 12.00 7.27
C TYR B 142 17.80 12.42 7.34
N ASP B 143 18.41 12.32 8.49
CA ASP B 143 19.83 12.61 8.56
C ASP B 143 20.64 11.45 7.86
N LEU B 144 20.02 10.32 7.63
CA LEU B 144 20.69 9.22 6.94
C LEU B 144 20.19 9.08 5.51
N TYR B 145 19.21 9.88 5.14
CA TYR B 145 18.59 9.75 3.83
C TYR B 145 19.52 10.16 2.68
N SER B 146 19.82 9.23 1.78
CA SER B 146 20.68 9.58 0.65
C SER B 146 19.85 10.05 -0.54
N ALA B 147 20.50 10.69 -1.51
CA ALA B 147 19.72 11.17 -2.65
C ALA B 147 19.03 10.09 -3.47
N GLY B 148 19.53 8.87 -3.37
CA GLY B 148 18.97 7.74 -4.08
C GLY B 148 18.39 6.68 -3.15
N GLU B 149 17.87 7.11 -2.02
CA GLU B 149 17.45 6.17 -0.97
C GLU B 149 16.45 5.09 -1.36
N LEU B 150 16.79 3.82 -1.09
CA LEU B 150 15.87 2.69 -1.37
C LEU B 150 15.01 2.57 -0.09
N VAL B 151 13.70 2.69 -0.23
CA VAL B 151 12.89 2.72 0.96
C VAL B 151 12.19 1.46 1.32
N ARG B 152 11.92 0.57 0.37
CA ARG B 152 11.37 -0.69 0.80
C ARG B 152 11.55 -1.79 -0.21
N LEU B 153 11.52 -3.01 0.26
CA LEU B 153 11.63 -4.16 -0.62
C LEU B 153 10.22 -4.39 -1.20
N ASP B 154 10.07 -4.59 -2.50
CA ASP B 154 8.71 -4.79 -3.04
C ASP B 154 8.40 -6.13 -3.63
N HIS B 155 9.29 -6.66 -4.47
CA HIS B 155 8.93 -7.94 -5.06
C HIS B 155 10.12 -8.72 -5.60
N PHE B 156 9.81 -9.94 -5.99
CA PHE B 156 10.76 -10.85 -6.62
C PHE B 156 10.20 -11.10 -8.04
N ASN B 157 11.05 -11.54 -8.98
CA ASN B 157 10.57 -11.89 -10.28
C ASN B 157 11.31 -13.22 -10.58
N GLN B 158 10.55 -14.24 -10.97
CA GLN B 158 11.10 -15.58 -11.19
C GLN B 158 10.93 -15.99 -12.61
N VAL B 159 11.91 -16.72 -13.11
CA VAL B 159 11.87 -17.20 -14.49
C VAL B 159 11.58 -18.68 -14.44
N THR B 160 10.56 -19.13 -15.16
CA THR B 160 10.22 -20.55 -15.12
C THR B 160 9.75 -20.96 -16.52
N PRO B 161 9.99 -22.20 -16.92
CA PRO B 161 9.56 -22.61 -18.26
C PRO B 161 8.06 -22.69 -18.50
N ASP B 162 7.29 -22.98 -17.46
CA ASP B 162 5.86 -23.17 -17.67
C ASP B 162 5.08 -22.20 -16.82
N VAL B 163 4.73 -21.10 -17.43
CA VAL B 163 4.05 -20.09 -16.67
C VAL B 163 2.65 -20.47 -16.26
N PRO B 164 1.88 -21.13 -17.12
CA PRO B 164 0.52 -21.47 -16.67
C PRO B 164 0.56 -22.40 -15.46
N ARG B 165 1.53 -23.31 -15.41
CA ARG B 165 1.63 -24.21 -14.26
C ARG B 165 1.99 -23.42 -13.01
N GLY B 166 2.96 -22.51 -13.18
CA GLY B 166 3.39 -21.67 -12.07
C GLY B 166 2.26 -20.77 -11.57
N ARG B 167 1.48 -20.19 -12.47
CA ARG B 167 0.40 -19.28 -12.06
C ARG B 167 -0.67 -20.01 -11.20
N ALA B 168 -1.11 -21.17 -11.69
CA ALA B 168 -2.17 -21.93 -11.00
C ALA B 168 -1.65 -22.36 -9.64
N TYR B 169 -0.35 -22.72 -9.56
CA TYR B 169 0.23 -23.09 -8.28
C TYR B 169 0.24 -21.86 -7.31
N LEU B 170 0.67 -20.69 -7.78
CA LEU B 170 0.67 -19.52 -6.89
C LEU B 170 -0.75 -19.07 -6.55
N GLU B 171 -1.69 -19.26 -7.46
CA GLU B 171 -3.10 -18.87 -7.10
C GLU B 171 -3.60 -19.80 -6.00
N ASP B 172 -3.24 -21.07 -6.05
CA ASP B 172 -3.68 -21.96 -4.98
C ASP B 172 -3.09 -21.50 -3.65
N LEU B 173 -1.91 -20.89 -3.69
CA LEU B 173 -1.28 -20.41 -2.47
C LEU B 173 -1.92 -19.11 -2.03
N GLY B 174 -2.88 -18.60 -2.79
CA GLY B 174 -3.52 -17.39 -2.31
C GLY B 174 -3.11 -16.08 -2.98
N PHE B 175 -2.13 -16.12 -3.88
CA PHE B 175 -1.74 -14.88 -4.60
C PHE B 175 -2.82 -14.55 -5.63
N ARG B 176 -3.07 -13.27 -5.86
CA ARG B 176 -4.05 -12.92 -6.84
C ARG B 176 -3.27 -12.29 -7.98
N VAL B 177 -3.83 -12.34 -9.18
CA VAL B 177 -3.16 -11.75 -10.33
C VAL B 177 -3.64 -10.32 -10.54
N SER B 178 -2.73 -9.34 -10.52
CA SER B 178 -3.14 -7.95 -10.74
C SER B 178 -3.05 -7.66 -12.25
N GLU B 179 -1.98 -8.15 -12.90
CA GLU B 179 -1.81 -7.94 -14.34
C GLU B 179 -1.24 -9.22 -14.95
N ASP B 180 -1.61 -9.51 -16.18
CA ASP B 180 -1.00 -10.65 -16.83
C ASP B 180 -0.86 -10.34 -18.33
N ILE B 181 -0.11 -11.18 -19.03
CA ILE B 181 0.10 -11.03 -20.48
C ILE B 181 -0.44 -12.35 -21.05
N LYS B 182 -1.37 -12.27 -21.99
CA LYS B 182 -1.92 -13.49 -22.57
C LYS B 182 -1.99 -13.35 -24.10
N ASP B 183 -2.19 -14.46 -24.79
CA ASP B 183 -2.35 -14.37 -26.23
C ASP B 183 -3.82 -14.53 -26.52
N SER B 184 -4.16 -14.47 -27.81
CA SER B 184 -5.56 -14.60 -28.26
C SER B 184 -6.16 -15.93 -27.77
N ASP B 185 -5.32 -16.96 -27.60
CA ASP B 185 -5.74 -18.29 -27.13
C ASP B 185 -6.12 -18.28 -25.63
N GLY B 186 -5.64 -17.27 -24.90
CA GLY B 186 -5.92 -17.20 -23.48
C GLY B 186 -4.80 -17.82 -22.66
N VAL B 187 -3.68 -18.13 -23.31
CA VAL B 187 -2.55 -18.72 -22.61
C VAL B 187 -1.73 -17.62 -21.89
N THR B 188 -1.40 -17.87 -20.62
CA THR B 188 -0.64 -16.86 -19.84
C THR B 188 0.84 -16.91 -20.18
N TYR B 189 1.42 -15.79 -20.60
CA TYR B 189 2.84 -15.69 -20.90
C TYR B 189 3.61 -15.16 -19.69
N ALA B 190 2.96 -14.38 -18.84
CA ALA B 190 3.64 -13.86 -17.65
C ALA B 190 2.56 -13.35 -16.74
N ALA B 191 2.83 -13.28 -15.46
CA ALA B 191 1.82 -12.83 -14.52
C ALA B 191 2.43 -12.16 -13.30
N TRP B 192 1.77 -11.09 -12.83
CA TRP B 192 2.17 -10.33 -11.67
C TRP B 192 1.20 -10.76 -10.56
N MET B 193 1.77 -11.27 -9.46
CA MET B 193 0.95 -11.84 -8.40
C MET B 193 1.20 -11.20 -7.06
N HIS B 194 0.13 -10.96 -6.32
CA HIS B 194 0.29 -10.31 -5.03
C HIS B 194 -0.47 -10.88 -3.86
N ARG B 195 0.10 -10.66 -2.68
CA ARG B 195 -0.61 -10.95 -1.44
C ARG B 195 -0.83 -9.57 -0.82
N LYS B 196 0.21 -8.73 -0.79
CA LYS B 196 0.04 -7.38 -0.22
C LYS B 196 -0.66 -6.48 -1.24
N GLN B 197 -0.92 -5.23 -0.87
CA GLN B 197 -1.73 -4.34 -1.69
C GLN B 197 -1.04 -3.50 -2.75
N THR B 198 0.05 -4.02 -3.31
CA THR B 198 0.72 -3.34 -4.40
C THR B 198 0.55 -4.25 -5.60
N VAL B 199 1.17 -3.91 -6.72
CA VAL B 199 0.96 -4.74 -7.91
C VAL B 199 1.39 -6.18 -7.75
N HIS B 200 2.50 -6.36 -7.06
CA HIS B 200 2.93 -7.75 -6.87
C HIS B 200 3.93 -7.99 -5.78
N ASP B 201 3.99 -9.25 -5.33
CA ASP B 201 5.02 -9.70 -4.41
C ASP B 201 5.97 -10.57 -5.24
N THR B 202 5.41 -11.25 -6.25
CA THR B 202 6.29 -12.01 -7.13
C THR B 202 5.70 -11.98 -8.52
N ALA B 203 6.48 -12.27 -9.54
CA ALA B 203 5.97 -12.30 -10.91
C ALA B 203 6.62 -13.47 -11.54
N LEU B 204 5.96 -14.05 -12.54
CA LEU B 204 6.47 -15.19 -13.28
C LEU B 204 6.71 -14.73 -14.72
N THR B 205 7.92 -14.97 -15.21
CA THR B 205 8.36 -14.60 -16.57
C THR B 205 8.69 -15.98 -17.21
N GLY B 206 8.31 -16.20 -18.46
CA GLY B 206 8.63 -17.49 -19.08
C GLY B 206 10.09 -17.52 -19.55
N GLY B 207 10.78 -18.65 -19.39
CA GLY B 207 12.16 -18.67 -19.83
C GLY B 207 12.84 -19.88 -19.25
N ASN B 208 14.14 -20.05 -19.46
CA ASN B 208 14.79 -21.22 -18.91
C ASN B 208 14.85 -21.04 -17.40
N GLY B 209 14.44 -22.04 -16.64
CA GLY B 209 14.46 -21.90 -15.19
C GLY B 209 14.54 -23.21 -14.47
N PRO B 210 14.42 -23.17 -13.15
CA PRO B 210 14.20 -22.01 -12.29
C PRO B 210 15.41 -21.04 -12.20
N ARG B 211 15.13 -19.74 -12.36
CA ARG B 211 16.16 -18.72 -12.21
C ARG B 211 15.50 -17.50 -11.57
N MET B 212 16.29 -16.71 -10.86
CA MET B 212 15.79 -15.47 -10.27
C MET B 212 16.06 -14.33 -11.31
N HIS B 213 15.00 -13.67 -11.77
CA HIS B 213 15.20 -12.59 -12.75
C HIS B 213 15.65 -11.31 -12.04
N HIS B 214 14.94 -10.91 -10.99
CA HIS B 214 15.36 -9.74 -10.21
C HIS B 214 14.65 -9.64 -8.89
N VAL B 215 15.24 -8.79 -8.02
CA VAL B 215 14.65 -8.50 -6.73
C VAL B 215 14.45 -6.97 -6.84
N ALA B 216 13.39 -6.41 -6.26
CA ALA B 216 13.13 -4.97 -6.48
C ALA B 216 12.91 -4.19 -5.25
N PHE B 217 13.44 -2.95 -5.25
CA PHE B 217 13.26 -2.01 -4.16
C PHE B 217 12.59 -0.79 -4.71
N ALA B 218 11.81 -0.11 -3.87
CA ALA B 218 11.14 1.11 -4.30
C ALA B 218 11.82 2.33 -3.74
N THR B 219 11.71 3.49 -4.44
CA THR B 219 12.20 4.74 -3.86
C THR B 219 10.91 5.56 -3.68
N HIS B 220 11.02 6.70 -3.00
CA HIS B 220 9.84 7.52 -2.79
C HIS B 220 9.42 8.21 -4.08
N GLU B 221 10.39 8.71 -4.82
CA GLU B 221 10.02 9.50 -6.04
C GLU B 221 10.94 9.22 -7.20
N LYS B 222 10.56 9.76 -8.36
CA LYS B 222 11.29 9.47 -9.54
C LYS B 222 12.69 10.03 -9.51
N HIS B 223 12.85 11.24 -8.97
CA HIS B 223 14.21 11.82 -8.94
C HIS B 223 15.22 10.96 -8.17
N ASN B 224 14.75 10.16 -7.22
CA ASN B 224 15.69 9.29 -6.48
C ASN B 224 16.31 8.27 -7.41
N ILE B 225 15.52 7.77 -8.36
CA ILE B 225 16.02 6.78 -9.29
C ILE B 225 17.01 7.43 -10.28
N ILE B 226 16.69 8.65 -10.69
CA ILE B 226 17.62 9.35 -11.57
C ILE B 226 18.94 9.59 -10.88
N GLN B 227 18.91 9.91 -9.60
CA GLN B 227 20.17 10.14 -8.88
C GLN B 227 21.02 8.84 -8.83
N ILE B 228 20.40 7.68 -8.75
CA ILE B 228 21.19 6.45 -8.75
C ILE B 228 22.00 6.37 -10.08
N CYS B 229 21.32 6.63 -11.19
CA CYS B 229 22.00 6.62 -12.48
C CYS B 229 23.16 7.59 -12.51
N ASP B 230 22.89 8.80 -12.05
CA ASP B 230 23.90 9.86 -12.07
C ASP B 230 25.15 9.49 -11.25
N LYS B 231 24.92 8.93 -10.06
CA LYS B 231 26.01 8.50 -9.16
C LYS B 231 26.79 7.36 -9.87
N MET B 232 26.07 6.43 -10.51
CA MET B 232 26.77 5.36 -11.20
C MET B 232 27.65 5.92 -12.34
N GLY B 233 27.15 6.93 -13.04
CA GLY B 233 27.94 7.53 -14.11
C GLY B 233 29.18 8.21 -13.52
N ALA B 234 29.03 8.91 -12.39
CA ALA B 234 30.20 9.57 -11.78
C ALA B 234 31.23 8.56 -11.29
N LEU B 235 30.77 7.37 -10.89
CA LEU B 235 31.69 6.33 -10.41
C LEU B 235 32.19 5.47 -11.54
N ARG B 236 31.82 5.81 -12.75
CA ARG B 236 32.24 5.07 -13.93
C ARG B 236 31.77 3.63 -13.93
N ILE B 237 30.59 3.34 -13.37
CA ILE B 237 30.08 1.99 -13.47
C ILE B 237 28.73 2.02 -14.19
N SER B 238 28.58 2.93 -15.13
CA SER B 238 27.31 3.03 -15.87
C SER B 238 27.13 1.81 -16.72
N ASP B 239 28.19 1.07 -16.97
CA ASP B 239 27.99 -0.15 -17.75
C ASP B 239 27.24 -1.19 -16.90
N ARG B 240 27.02 -0.93 -15.61
CA ARG B 240 26.21 -1.90 -14.80
C ARG B 240 24.72 -1.50 -14.82
N ILE B 241 24.40 -0.44 -15.55
CA ILE B 241 23.01 -0.06 -15.72
C ILE B 241 22.56 -0.88 -16.92
N GLU B 242 21.65 -1.80 -16.71
CA GLU B 242 21.22 -2.66 -17.79
C GLU B 242 20.07 -2.13 -18.66
N ARG B 243 19.04 -1.64 -18.02
CA ARG B 243 17.86 -1.19 -18.78
C ARG B 243 17.19 -0.03 -18.01
N GLY B 244 16.66 0.96 -18.71
CA GLY B 244 16.01 2.04 -17.98
C GLY B 244 16.91 3.29 -17.87
N PRO B 245 16.43 4.38 -17.29
CA PRO B 245 15.07 4.42 -16.75
C PRO B 245 14.00 4.46 -17.79
N GLY B 246 12.87 3.86 -17.44
CA GLY B 246 11.75 3.86 -18.35
C GLY B 246 10.49 3.68 -17.56
N ARG B 247 9.37 3.55 -18.27
CA ARG B 247 8.08 3.30 -17.62
C ARG B 247 7.54 1.97 -18.20
N HIS B 248 7.23 0.99 -17.35
CA HIS B 248 6.68 -0.25 -17.88
C HIS B 248 5.16 0.00 -18.15
N GLY B 249 4.56 -0.61 -19.19
CA GLY B 249 3.12 -0.47 -19.36
C GLY B 249 2.57 -1.42 -18.25
N VAL B 250 2.94 -2.71 -18.28
CA VAL B 250 2.52 -3.65 -17.21
C VAL B 250 3.13 -3.13 -15.87
N SER B 251 2.26 -2.94 -14.87
CA SER B 251 2.56 -2.47 -13.51
C SER B 251 2.63 -0.96 -13.38
N ASN B 252 2.84 -0.24 -14.49
CA ASN B 252 2.89 1.23 -14.49
C ASN B 252 4.10 1.78 -13.76
N ALA B 253 5.08 0.94 -13.44
CA ALA B 253 6.26 1.35 -12.66
C ALA B 253 7.26 2.15 -13.47
N PHE B 254 7.82 3.17 -12.83
CA PHE B 254 8.92 3.94 -13.43
C PHE B 254 10.11 3.09 -12.91
N TYR B 255 10.90 2.52 -13.80
CA TYR B 255 11.91 1.55 -13.39
C TYR B 255 13.36 1.80 -13.81
N LEU B 256 14.24 1.00 -13.20
CA LEU B 256 15.67 1.00 -13.51
C LEU B 256 16.19 -0.41 -13.15
N TYR B 257 16.93 -1.07 -14.02
CA TYR B 257 17.49 -2.38 -13.65
C TYR B 257 19.01 -2.25 -13.69
N ILE B 258 19.66 -2.67 -12.61
CA ILE B 258 21.10 -2.53 -12.57
C ILE B 258 21.68 -3.87 -12.19
N LEU B 259 22.98 -4.07 -12.42
CA LEU B 259 23.54 -5.40 -12.12
C LEU B 259 24.57 -5.31 -11.00
N ASP B 260 24.51 -6.26 -10.07
CA ASP B 260 25.50 -6.23 -8.98
C ASP B 260 26.79 -6.90 -9.51
N PRO B 261 27.83 -6.91 -8.69
CA PRO B 261 29.09 -7.50 -9.16
C PRO B 261 29.08 -8.93 -9.69
N ASP B 262 28.17 -9.76 -9.21
CA ASP B 262 28.09 -11.14 -9.72
C ASP B 262 27.06 -11.21 -10.84
N GLY B 263 26.46 -10.09 -11.22
CA GLY B 263 25.50 -10.23 -12.31
C GLY B 263 24.05 -10.37 -11.82
N HIS B 264 23.81 -10.37 -10.51
CA HIS B 264 22.42 -10.49 -10.03
C HIS B 264 21.71 -9.15 -10.39
N ARG B 265 20.48 -9.24 -10.85
CA ARG B 265 19.73 -8.06 -11.29
C ARG B 265 18.85 -7.46 -10.17
N ILE B 266 18.95 -6.14 -10.00
CA ILE B 266 18.25 -5.44 -8.97
C ILE B 266 17.36 -4.44 -9.69
N GLU B 267 16.07 -4.44 -9.39
CA GLU B 267 15.19 -3.42 -9.99
C GLU B 267 14.97 -2.33 -8.95
N ILE B 268 15.05 -1.07 -9.35
CA ILE B 268 14.71 -0.01 -8.43
C ILE B 268 13.53 0.67 -9.15
N TYR B 269 12.39 0.84 -8.49
CA TYR B 269 11.31 1.50 -9.23
C TYR B 269 10.53 2.40 -8.30
N THR B 270 9.56 3.13 -8.85
CA THR B 270 8.68 3.87 -7.98
C THR B 270 7.32 3.95 -8.71
N GLN B 271 6.28 4.27 -7.95
CA GLN B 271 4.92 4.42 -8.41
C GLN B 271 4.18 3.11 -8.43
N ASP B 272 3.41 2.85 -7.40
CA ASP B 272 2.65 1.59 -7.28
C ASP B 272 1.22 2.03 -7.47
N TYR B 273 0.29 1.09 -7.50
CA TYR B 273 -1.13 1.52 -7.40
C TYR B 273 -1.75 0.47 -6.49
N TYR B 274 -2.88 0.83 -5.90
CA TYR B 274 -3.58 -0.01 -4.94
C TYR B 274 -4.34 -1.23 -5.53
N THR B 275 -4.05 -2.43 -5.02
CA THR B 275 -4.65 -3.62 -5.55
C THR B 275 -5.44 -4.36 -4.47
N GLY B 276 -5.69 -3.71 -3.34
CA GLY B 276 -6.31 -4.41 -2.22
C GLY B 276 -7.76 -4.82 -2.26
N ASP B 277 -8.56 -4.23 -3.15
CA ASP B 277 -9.97 -4.58 -3.13
C ASP B 277 -10.15 -6.03 -3.61
N PRO B 278 -11.17 -6.71 -3.09
CA PRO B 278 -11.40 -8.10 -3.48
C PRO B 278 -11.69 -8.37 -4.93
N ASP B 279 -12.18 -7.37 -5.67
CA ASP B 279 -12.48 -7.56 -7.08
C ASP B 279 -11.60 -6.60 -7.95
N ASN B 280 -10.42 -6.28 -7.42
CA ASN B 280 -9.47 -5.42 -8.14
C ASN B 280 -9.43 -5.99 -9.53
N PRO B 281 -9.72 -5.18 -10.53
CA PRO B 281 -9.73 -5.66 -11.92
C PRO B 281 -8.39 -6.18 -12.46
N THR B 282 -8.31 -7.38 -13.00
CA THR B 282 -7.01 -7.80 -13.57
C THR B 282 -6.79 -7.10 -14.91
N ILE B 283 -5.58 -6.61 -15.16
CA ILE B 283 -5.33 -5.95 -16.45
C ILE B 283 -4.60 -6.99 -17.29
N THR B 284 -5.19 -7.37 -18.44
CA THR B 284 -4.54 -8.37 -19.30
C THR B 284 -3.98 -7.63 -20.49
N TRP B 285 -2.69 -7.79 -20.72
CA TRP B 285 -2.03 -7.18 -21.88
C TRP B 285 -1.89 -8.21 -22.97
N ASP B 286 -2.02 -7.75 -24.20
CA ASP B 286 -1.88 -8.67 -25.31
C ASP B 286 -0.41 -8.87 -25.53
N VAL B 287 -0.01 -10.10 -25.86
CA VAL B 287 1.40 -10.38 -26.05
C VAL B 287 2.04 -9.57 -27.19
N HIS B 288 1.23 -9.02 -28.09
CA HIS B 288 1.78 -8.19 -29.18
C HIS B 288 1.71 -6.69 -28.95
N ASP B 289 1.15 -6.28 -27.80
CA ASP B 289 1.07 -4.86 -27.51
C ASP B 289 2.45 -4.42 -27.08
N ASN B 290 3.11 -3.60 -27.88
CA ASN B 290 4.48 -3.12 -27.55
C ASN B 290 4.58 -2.39 -26.22
N GLN B 291 3.57 -1.57 -25.97
CA GLN B 291 3.55 -0.77 -24.79
C GLN B 291 3.54 -1.52 -23.49
N ARG B 292 3.40 -2.83 -23.56
CA ARG B 292 3.38 -3.54 -22.31
C ARG B 292 4.77 -3.52 -21.70
N ARG B 293 5.81 -3.57 -22.54
CA ARG B 293 7.16 -3.62 -22.04
C ARG B 293 7.64 -2.23 -21.66
N ASP B 294 7.37 -1.29 -22.56
CA ASP B 294 7.85 0.03 -22.33
C ASP B 294 6.84 1.01 -22.85
N TRP B 295 6.29 1.78 -21.94
CA TRP B 295 5.27 2.77 -22.27
C TRP B 295 5.87 3.81 -23.23
N TRP B 296 7.17 4.03 -23.11
CA TRP B 296 7.78 5.05 -23.97
C TRP B 296 8.44 4.53 -25.25
N GLY B 297 8.31 3.25 -25.55
CA GLY B 297 8.93 2.67 -26.72
C GLY B 297 10.45 2.47 -26.63
N ASN B 298 11.07 2.56 -25.43
CA ASN B 298 12.56 2.41 -25.29
C ASN B 298 12.93 1.11 -25.98
N PRO B 299 14.11 1.07 -26.60
CA PRO B 299 14.56 -0.14 -27.29
C PRO B 299 14.71 -1.35 -26.34
N VAL B 300 14.48 -2.53 -26.90
CA VAL B 300 14.63 -3.79 -26.17
C VAL B 300 16.10 -4.02 -25.77
N VAL B 301 16.34 -4.58 -24.58
CA VAL B 301 17.72 -4.88 -24.13
C VAL B 301 17.76 -6.42 -24.09
N PRO B 302 18.43 -7.06 -25.07
CA PRO B 302 18.47 -8.54 -25.07
C PRO B 302 18.88 -9.28 -23.78
N SER B 303 19.88 -8.81 -23.07
CA SER B 303 20.32 -9.49 -21.85
C SER B 303 19.19 -9.63 -20.82
N TRP B 304 18.23 -8.69 -20.87
CA TRP B 304 17.13 -8.70 -19.90
C TRP B 304 16.25 -9.94 -20.08
N TYR B 305 16.29 -10.52 -21.27
CA TYR B 305 15.47 -11.69 -21.56
C TYR B 305 16.26 -12.97 -21.50
N THR B 306 17.57 -12.86 -21.36
CA THR B 306 18.31 -14.10 -21.33
C THR B 306 19.10 -14.35 -20.03
N GLU B 307 19.66 -13.32 -19.38
CA GLU B 307 20.43 -13.52 -18.16
C GLU B 307 19.53 -13.50 -16.91
N ALA B 308 19.79 -14.43 -15.98
CA ALA B 308 19.01 -14.45 -14.73
C ALA B 308 19.90 -15.28 -13.79
N SER B 309 19.69 -15.15 -12.49
CA SER B 309 20.54 -15.86 -11.51
C SER B 309 20.11 -17.28 -11.21
N LEU B 310 21.08 -18.14 -10.93
CA LEU B 310 20.77 -19.52 -10.52
C LEU B 310 20.16 -19.48 -9.13
N VAL B 311 19.41 -20.51 -8.78
CA VAL B 311 18.86 -20.62 -7.43
C VAL B 311 19.41 -21.93 -6.85
N LEU B 312 19.52 -22.00 -5.53
CA LEU B 312 20.05 -23.19 -4.88
C LEU B 312 19.01 -24.15 -4.32
N ASP B 313 19.36 -25.44 -4.21
CA ASP B 313 18.43 -26.40 -3.62
C ASP B 313 18.70 -26.30 -2.12
N LEU B 314 18.00 -27.08 -1.30
CA LEU B 314 18.22 -26.93 0.16
C LEU B 314 19.58 -27.42 0.64
N ASP B 315 20.34 -28.09 -0.21
CA ASP B 315 21.69 -28.52 0.20
C ASP B 315 22.69 -27.46 -0.20
N GLY B 316 22.22 -26.40 -0.82
CA GLY B 316 23.17 -25.38 -1.23
C GLY B 316 23.77 -25.62 -2.60
N ASN B 317 23.25 -26.55 -3.38
CA ASN B 317 23.80 -26.76 -4.72
C ASN B 317 22.85 -26.14 -5.75
N PRO B 318 23.38 -25.65 -6.89
CA PRO B 318 22.49 -25.05 -7.87
C PRO B 318 21.46 -26.02 -8.42
N GLN B 319 20.25 -25.51 -8.66
CA GLN B 319 19.19 -26.28 -9.30
C GLN B 319 19.52 -26.28 -10.79
N PRO B 320 19.46 -27.44 -11.43
CA PRO B 320 19.76 -27.49 -12.88
C PRO B 320 18.73 -26.63 -13.61
N VAL B 321 19.16 -25.88 -14.61
CA VAL B 321 18.26 -25.03 -15.40
C VAL B 321 17.64 -25.83 -16.54
N ILE B 322 16.32 -25.75 -16.66
CA ILE B 322 15.60 -26.49 -17.69
C ILE B 322 15.53 -25.53 -18.85
N VAL B 323 16.09 -25.93 -19.97
CA VAL B 323 16.20 -25.10 -21.18
C VAL B 323 15.16 -25.44 -22.20
MN MN C . -5.11 13.52 7.47
MN MN D . 9.94 -6.02 -11.36
#